data_3V6R
#
_entry.id   3V6R
#
_cell.length_a   110.297
_cell.length_b   157.259
_cell.length_c   44.108
_cell.angle_alpha   90.00
_cell.angle_beta   90.00
_cell.angle_gamma   90.00
#
_symmetry.space_group_name_H-M   'P 21 21 2'
#
loop_
_entity.id
_entity.type
_entity.pdbx_description
1 polymer 'Mitogen-activated protein kinase 10'
2 non-polymer 4-{[4-(dimethylamino)butanoyl]amino}-N-(3-{[4-(pyridin-3-yl)pyrimidin-2-yl]amino}phenyl)benzamide
3 water water
#
_entity_poly.entity_id   1
_entity_poly.type   'polypeptide(L)'
_entity_poly.pdbx_seq_one_letter_code
;MSKSKVDNQFYSVEVGDSTFTVLKRYQNLKPIGSGAQGIVCAAYDAVLDRNVAIKKLSRPFQNQTHAKRAYRELVLMKCV
NHKNIISLLNVFTPQKTLEEFQDVYLVMELMDANLCQVIQMELDHERMSYLLYQMLCGIKHLHSAGIIHRDLKPSNIVVK
SDCTLKILDFGLARTAGTSFMMTPYVVTRYYRAPEVILGMGYKENVDIWSVGCIMGEMVRHKILFPGRDYIDQWNKVIEQ
LGTPCPEFMKKLQPTVRNYVENRPKYAGLTFPKLFPDSLFPADSEHNKLKASQARDLLSKMLVIDPAKRISVDDALQHPY
INVWYDPAEVEAPPPQIYDKQLDEREHTIEEWKELIYKEVMNSE
;
_entity_poly.pdbx_strand_id   A,B
#
loop_
_chem_comp.id
_chem_comp.type
_chem_comp.name
_chem_comp.formula
CQQ non-polymer 4-{[4-(dimethylamino)butanoyl]amino}-N-(3-{[4-(pyridin-3-yl)pyrimidin-2-yl]amino}phenyl)benzamide 'C28 H29 N7 O2'
#
# COMPACT_ATOMS: atom_id res chain seq x y z
N ASP A 7 16.23 -8.86 36.93
CA ASP A 7 17.51 -8.53 36.29
C ASP A 7 18.63 -9.13 37.11
N ASN A 8 18.84 -10.42 37.04
CA ASN A 8 20.02 -11.01 37.70
C ASN A 8 21.04 -11.34 36.63
N GLN A 9 20.61 -12.10 35.61
CA GLN A 9 21.45 -12.46 34.47
C GLN A 9 21.33 -11.38 33.38
N PHE A 10 20.47 -10.37 33.61
CA PHE A 10 20.28 -9.24 32.70
C PHE A 10 20.76 -7.91 33.29
N TYR A 11 21.09 -6.99 32.38
CA TYR A 11 21.49 -5.61 32.66
C TYR A 11 20.97 -4.74 31.51
N SER A 12 20.72 -3.43 31.79
CA SER A 12 20.22 -2.48 30.80
C SER A 12 21.32 -1.55 30.29
N VAL A 13 21.19 -1.08 29.04
CA VAL A 13 22.12 -0.18 28.39
C VAL A 13 21.40 0.51 27.23
N GLU A 14 21.54 1.82 27.16
CA GLU A 14 21.00 2.67 26.10
C GLU A 14 21.92 2.58 24.90
N VAL A 15 21.39 2.08 23.77
CA VAL A 15 22.17 1.97 22.54
C VAL A 15 21.37 2.61 21.43
N GLY A 16 21.95 3.66 20.82
CA GLY A 16 21.36 4.39 19.71
C GLY A 16 19.90 4.79 19.88
N ASP A 17 19.59 5.45 21.01
CA ASP A 17 18.28 5.96 21.43
C ASP A 17 17.27 4.81 21.68
N SER A 18 17.78 3.64 22.11
CA SER A 18 16.97 2.47 22.42
C SER A 18 17.52 1.72 23.64
N THR A 19 16.60 1.28 24.53
CA THR A 19 16.94 0.57 25.77
C THR A 19 17.12 -0.90 25.49
N PHE A 20 18.34 -1.41 25.71
CA PHE A 20 18.66 -2.82 25.48
C PHE A 20 18.81 -3.50 26.82
N THR A 21 17.85 -4.37 27.15
CA THR A 21 17.93 -5.16 28.38
C THR A 21 18.37 -6.54 27.89
N VAL A 22 19.69 -6.80 28.00
CA VAL A 22 20.34 -8.02 27.49
C VAL A 22 21.04 -8.84 28.59
N LEU A 23 21.39 -10.10 28.29
CA LEU A 23 22.14 -11.00 29.18
C LEU A 23 23.53 -10.43 29.46
N LYS A 24 24.04 -10.63 30.69
CA LYS A 24 25.35 -10.11 31.11
C LYS A 24 26.53 -10.67 30.27
N ARG A 25 26.29 -11.71 29.44
CA ARG A 25 27.29 -12.31 28.55
C ARG A 25 27.59 -11.40 27.32
N TYR A 26 26.65 -10.49 26.98
CA TYR A 26 26.82 -9.58 25.84
C TYR A 26 27.26 -8.23 26.36
N GLN A 27 28.52 -7.88 26.04
CA GLN A 27 29.18 -6.65 26.50
C GLN A 27 29.63 -5.78 25.31
N ASN A 28 30.16 -4.56 25.63
CA ASN A 28 30.68 -3.53 24.70
C ASN A 28 29.71 -3.30 23.53
N LEU A 29 28.39 -3.18 23.84
CA LEU A 29 27.36 -2.98 22.83
C LEU A 29 27.60 -1.66 22.11
N LYS A 30 27.55 -1.70 20.78
CA LYS A 30 27.79 -0.56 19.88
C LYS A 30 26.68 -0.47 18.84
N PRO A 31 26.10 0.71 18.55
CA PRO A 31 25.03 0.76 17.54
C PRO A 31 25.53 0.52 16.11
N ILE A 32 24.72 -0.17 15.30
CA ILE A 32 25.04 -0.46 13.90
C ILE A 32 23.81 -0.18 12.99
N GLY A 33 22.59 -0.44 13.46
CA GLY A 33 21.41 -0.23 12.61
C GLY A 33 20.05 -0.07 13.23
N SER A 34 19.12 0.55 12.48
CA SER A 34 17.72 0.82 12.85
C SER A 34 16.88 1.21 11.63
N GLY A 35 15.60 0.81 11.65
CA GLY A 35 14.63 1.13 10.60
C GLY A 35 14.56 0.15 9.45
N ALA A 36 13.39 0.03 8.75
CA ALA A 36 12.14 0.75 9.01
C ALA A 36 11.32 0.11 10.18
N GLN A 37 11.86 -0.99 10.76
CA GLN A 37 11.29 -1.75 11.89
C GLN A 37 12.35 -2.72 12.45
N GLY A 38 12.98 -2.31 13.55
CA GLY A 38 14.00 -3.10 14.24
C GLY A 38 15.28 -2.35 14.54
N ILE A 39 15.71 -2.43 15.80
CA ILE A 39 16.92 -1.79 16.25
C ILE A 39 18.00 -2.86 16.45
N VAL A 40 19.14 -2.68 15.77
CA VAL A 40 20.28 -3.59 15.79
C VAL A 40 21.53 -2.90 16.34
N CYS A 41 22.34 -3.68 17.07
CA CYS A 41 23.62 -3.24 17.61
C CYS A 41 24.63 -4.39 17.54
N ALA A 42 25.92 -4.06 17.71
CA ALA A 42 27.02 -5.03 17.74
C ALA A 42 27.44 -5.24 19.20
N ALA A 43 27.85 -6.46 19.56
CA ALA A 43 28.26 -6.78 20.93
C ALA A 43 29.25 -7.92 20.97
N TYR A 44 29.99 -8.04 22.07
CA TYR A 44 30.93 -9.11 22.27
C TYR A 44 30.31 -10.14 23.21
N ASP A 45 30.24 -11.41 22.74
CA ASP A 45 29.72 -12.52 23.55
C ASP A 45 30.90 -13.06 24.35
N ALA A 46 30.83 -12.93 25.70
CA ALA A 46 31.89 -13.39 26.60
C ALA A 46 31.94 -14.93 26.67
N VAL A 47 30.76 -15.59 26.69
CA VAL A 47 30.59 -17.05 26.78
C VAL A 47 31.17 -17.74 25.52
N LEU A 48 30.95 -17.17 24.31
CA LEU A 48 31.46 -17.76 23.06
C LEU A 48 32.81 -17.17 22.58
N ASP A 49 33.26 -16.02 23.17
CA ASP A 49 34.48 -15.27 22.83
C ASP A 49 34.45 -14.90 21.33
N ARG A 50 33.32 -14.32 20.91
CA ARG A 50 33.05 -13.90 19.53
C ARG A 50 32.15 -12.68 19.50
N ASN A 51 32.23 -11.92 18.40
CA ASN A 51 31.39 -10.74 18.18
C ASN A 51 30.07 -11.17 17.55
N VAL A 52 28.98 -10.62 18.02
CA VAL A 52 27.63 -10.93 17.55
C VAL A 52 26.89 -9.63 17.17
N ALA A 53 25.71 -9.80 16.55
CA ALA A 53 24.76 -8.74 16.25
C ALA A 53 23.47 -9.05 16.99
N ILE A 54 22.98 -8.09 17.81
CA ILE A 54 21.75 -8.26 18.59
C ILE A 54 20.66 -7.34 18.02
N LYS A 55 19.56 -7.95 17.59
CA LYS A 55 18.40 -7.20 17.08
C LYS A 55 17.26 -7.27 18.07
N LYS A 56 16.80 -6.09 18.50
CA LYS A 56 15.64 -5.90 19.36
C LYS A 56 14.52 -5.63 18.42
N LEU A 57 13.46 -6.45 18.45
CA LEU A 57 12.34 -6.26 17.52
C LEU A 57 11.54 -5.02 17.85
N SER A 58 11.27 -4.18 16.84
CA SER A 58 10.49 -2.94 17.00
C SER A 58 9.00 -3.25 16.98
N ARG A 59 8.32 -2.97 18.13
CA ARG A 59 6.88 -3.14 18.37
C ARG A 59 6.33 -4.44 17.69
N PRO A 60 6.73 -5.66 18.18
CA PRO A 60 6.28 -6.90 17.52
C PRO A 60 4.78 -7.16 17.63
N PHE A 61 4.09 -6.56 18.64
CA PHE A 61 2.66 -6.77 18.90
C PHE A 61 1.83 -5.51 18.66
N GLN A 62 2.33 -4.58 17.82
CA GLN A 62 1.60 -3.37 17.45
C GLN A 62 0.37 -3.75 16.62
N ASN A 63 0.54 -4.74 15.74
CA ASN A 63 -0.49 -5.26 14.86
C ASN A 63 -0.14 -6.71 14.45
N GLN A 64 -1.06 -7.36 13.70
CA GLN A 64 -0.94 -8.73 13.23
C GLN A 64 0.11 -8.88 12.15
N THR A 65 0.38 -7.82 11.36
CA THR A 65 1.40 -7.91 10.33
C THR A 65 2.81 -7.99 10.97
N HIS A 66 3.05 -7.19 12.05
CA HIS A 66 4.29 -7.19 12.81
C HIS A 66 4.51 -8.52 13.50
N ALA A 67 3.44 -9.09 14.08
CA ALA A 67 3.48 -10.37 14.82
C ALA A 67 3.65 -11.55 13.88
N LYS A 68 2.97 -11.54 12.71
CA LYS A 68 3.11 -12.60 11.71
C LYS A 68 4.56 -12.59 11.17
N ARG A 69 5.11 -11.39 10.84
CA ARG A 69 6.47 -11.19 10.32
C ARG A 69 7.54 -11.59 11.35
N ALA A 70 7.29 -11.33 12.66
CA ALA A 70 8.18 -11.67 13.76
C ALA A 70 8.20 -13.17 14.01
N TYR A 71 7.02 -13.83 14.00
CA TYR A 71 6.92 -15.29 14.19
C TYR A 71 7.60 -16.03 13.04
N ARG A 72 7.32 -15.60 11.79
CA ARG A 72 7.88 -16.11 10.54
C ARG A 72 9.41 -16.06 10.54
N GLU A 73 9.99 -14.87 10.87
CA GLU A 73 11.43 -14.63 10.93
C GLU A 73 12.12 -15.50 12.00
N LEU A 74 11.50 -15.61 13.19
CA LEU A 74 12.05 -16.36 14.33
C LEU A 74 12.06 -17.87 14.02
N VAL A 75 10.99 -18.38 13.39
CA VAL A 75 10.86 -19.78 13.01
C VAL A 75 11.82 -20.12 11.86
N LEU A 76 11.89 -19.25 10.82
CA LEU A 76 12.74 -19.52 9.67
C LEU A 76 14.21 -19.39 10.00
N MET A 77 14.63 -18.39 10.79
CA MET A 77 16.03 -18.24 11.20
C MET A 77 16.52 -19.46 12.00
N LYS A 78 15.60 -20.11 12.75
CA LYS A 78 15.90 -21.31 13.55
C LYS A 78 15.99 -22.57 12.67
N CYS A 79 14.98 -22.82 11.81
CA CYS A 79 14.90 -24.00 10.95
C CYS A 79 15.93 -24.02 9.80
N VAL A 80 16.21 -22.86 9.17
CA VAL A 80 17.17 -22.77 8.06
C VAL A 80 18.61 -22.83 8.62
N ASN A 81 19.48 -23.61 7.96
CA ASN A 81 20.89 -23.74 8.30
C ASN A 81 21.74 -23.78 7.01
N HIS A 82 21.91 -22.59 6.39
CA HIS A 82 22.68 -22.42 5.15
C HIS A 82 23.69 -21.28 5.33
N LYS A 83 24.91 -21.43 4.79
CA LYS A 83 26.00 -20.45 4.91
C LYS A 83 25.69 -19.10 4.25
N ASN A 84 24.68 -19.04 3.40
CA ASN A 84 24.34 -17.77 2.75
C ASN A 84 23.03 -17.15 3.29
N ILE A 85 22.54 -17.68 4.44
CA ILE A 85 21.35 -17.16 5.14
C ILE A 85 21.78 -16.95 6.59
N ILE A 86 21.48 -15.76 7.17
CA ILE A 86 21.86 -15.44 8.55
C ILE A 86 21.24 -16.48 9.54
N SER A 87 22.07 -17.02 10.46
CA SER A 87 21.60 -18.00 11.44
C SER A 87 21.40 -17.38 12.84
N LEU A 88 20.43 -17.93 13.57
CA LEU A 88 20.11 -17.51 14.93
C LEU A 88 21.03 -18.20 15.93
N LEU A 89 21.98 -17.45 16.51
CA LEU A 89 22.89 -17.98 17.55
C LEU A 89 22.14 -18.14 18.87
N ASN A 90 21.33 -17.13 19.24
CA ASN A 90 20.56 -17.14 20.48
C ASN A 90 19.29 -16.25 20.36
N VAL A 91 18.30 -16.47 21.26
CA VAL A 91 17.04 -15.71 21.37
C VAL A 91 16.63 -15.68 22.86
N PHE A 92 16.24 -14.50 23.36
CA PHE A 92 15.83 -14.34 24.75
C PHE A 92 14.86 -13.15 24.94
N THR A 93 14.21 -13.12 26.11
CA THR A 93 13.31 -12.08 26.57
C THR A 93 13.68 -11.76 28.02
N PRO A 94 13.77 -10.46 28.42
CA PRO A 94 14.12 -10.16 29.81
C PRO A 94 12.93 -10.35 30.76
N GLN A 95 11.70 -10.47 30.20
CA GLN A 95 10.46 -10.66 30.96
C GLN A 95 10.28 -12.12 31.35
N LYS A 96 9.87 -12.34 32.62
CA LYS A 96 9.75 -13.65 33.26
C LYS A 96 8.49 -14.46 32.92
N THR A 97 7.39 -13.82 32.51
CA THR A 97 6.14 -14.55 32.20
C THR A 97 5.50 -14.09 30.89
N LEU A 98 4.50 -14.86 30.40
CA LEU A 98 3.72 -14.57 29.19
C LEU A 98 2.99 -13.22 29.33
N GLU A 99 2.48 -12.94 30.54
CA GLU A 99 1.78 -11.70 30.88
C GLU A 99 2.70 -10.48 30.74
N GLU A 100 3.90 -10.56 31.33
CA GLU A 100 4.90 -9.49 31.31
C GLU A 100 5.61 -9.38 29.94
N PHE A 101 5.65 -10.48 29.16
CA PHE A 101 6.36 -10.60 27.87
C PHE A 101 6.04 -9.45 26.90
N GLN A 102 7.08 -8.74 26.43
CA GLN A 102 6.90 -7.65 25.48
C GLN A 102 8.08 -7.52 24.49
N ASP A 103 9.30 -7.98 24.85
CA ASP A 103 10.44 -7.82 23.92
C ASP A 103 11.12 -9.13 23.50
N VAL A 104 11.63 -9.14 22.27
CA VAL A 104 12.35 -10.27 21.68
C VAL A 104 13.72 -9.77 21.19
N TYR A 105 14.79 -10.49 21.58
CA TYR A 105 16.14 -10.18 21.17
C TYR A 105 16.73 -11.37 20.39
N LEU A 106 17.03 -11.14 19.10
CA LEU A 106 17.63 -12.15 18.24
C LEU A 106 19.13 -11.88 18.17
N VAL A 107 19.92 -12.92 18.48
CA VAL A 107 21.39 -12.87 18.49
C VAL A 107 21.86 -13.66 17.27
N MET A 108 22.61 -12.99 16.38
CA MET A 108 23.16 -13.61 15.17
C MET A 108 24.66 -13.24 15.01
N GLU A 109 25.34 -13.90 14.06
CA GLU A 109 26.74 -13.65 13.74
C GLU A 109 26.92 -12.21 13.24
N LEU A 110 28.00 -11.55 13.66
CA LEU A 110 28.24 -10.19 13.23
C LEU A 110 28.96 -10.17 11.87
N MET A 111 28.37 -9.47 10.92
CA MET A 111 28.96 -9.30 9.60
C MET A 111 29.62 -7.91 9.55
N ASP A 112 30.57 -7.71 8.65
CA ASP A 112 31.32 -6.46 8.61
C ASP A 112 30.60 -5.30 7.97
N ALA A 113 29.82 -5.51 6.90
CA ALA A 113 29.10 -4.41 6.23
C ALA A 113 27.81 -4.91 5.57
N ASN A 114 26.93 -3.96 5.21
CA ASN A 114 25.68 -4.21 4.50
C ASN A 114 25.97 -4.06 3.02
N LEU A 115 25.21 -4.78 2.14
CA LEU A 115 25.41 -4.73 0.69
C LEU A 115 25.29 -3.30 0.14
N CYS A 116 24.50 -2.43 0.82
CA CYS A 116 24.29 -1.02 0.49
C CYS A 116 25.58 -0.21 0.44
N GLN A 117 26.61 -0.64 1.12
N GLN A 117 26.70 -0.60 0.99
CA GLN A 117 27.86 0.04 1.05
CA GLN A 117 27.89 0.11 0.75
C GLN A 117 28.84 -0.70 0.15
C GLN A 117 28.99 -0.71 0.13
N VAL A 118 28.89 -2.02 0.26
CA VAL A 118 29.75 -2.82 -0.61
C VAL A 118 29.40 -2.59 -2.09
N ILE A 119 28.09 -2.45 -2.42
CA ILE A 119 27.57 -2.21 -3.77
C ILE A 119 28.22 -0.96 -4.42
N GLN A 120 28.67 0.00 -3.58
CA GLN A 120 29.29 1.27 -3.98
C GLN A 120 30.80 1.17 -4.24
N MET A 121 31.39 -0.02 -4.01
CA MET A 121 32.80 -0.31 -4.23
C MET A 121 33.12 -0.52 -5.69
N GLU A 122 34.34 -0.16 -6.12
CA GLU A 122 34.81 -0.40 -7.47
C GLU A 122 34.95 -1.89 -7.63
N LEU A 123 34.11 -2.44 -8.51
CA LEU A 123 33.95 -3.87 -8.79
C LEU A 123 35.12 -4.52 -9.52
N ASP A 124 35.46 -5.74 -9.08
CA ASP A 124 36.34 -6.67 -9.78
C ASP A 124 35.44 -7.82 -10.11
N HIS A 125 35.69 -8.52 -11.19
CA HIS A 125 34.81 -9.60 -11.59
C HIS A 125 34.84 -10.73 -10.60
N GLU A 126 36.00 -10.95 -9.92
CA GLU A 126 36.13 -12.03 -8.94
C GLU A 126 35.20 -11.81 -7.75
N ARG A 127 35.23 -10.62 -7.14
CA ARG A 127 34.36 -10.33 -6.02
C ARG A 127 32.89 -10.29 -6.45
N MET A 128 32.60 -9.62 -7.58
CA MET A 128 31.23 -9.46 -8.06
C MET A 128 30.57 -10.81 -8.33
N SER A 129 31.23 -11.70 -9.11
CA SER A 129 30.66 -13.00 -9.43
C SER A 129 30.48 -13.85 -8.17
N TYR A 130 31.39 -13.70 -7.18
CA TYR A 130 31.32 -14.44 -5.93
C TYR A 130 30.11 -14.01 -5.09
N LEU A 131 29.84 -12.68 -5.03
CA LEU A 131 28.70 -12.14 -4.29
C LEU A 131 27.39 -12.62 -4.90
N LEU A 132 27.29 -12.57 -6.23
CA LEU A 132 26.08 -13.01 -6.97
C LEU A 132 25.91 -14.54 -6.84
N TYR A 133 27.03 -15.32 -6.84
CA TYR A 133 27.01 -16.77 -6.66
C TYR A 133 26.38 -17.14 -5.31
N GLN A 134 26.78 -16.44 -4.25
CA GLN A 134 26.29 -16.64 -2.89
C GLN A 134 24.81 -16.25 -2.78
N MET A 135 24.40 -15.15 -3.44
CA MET A 135 23.02 -14.70 -3.51
C MET A 135 22.17 -15.80 -4.14
N LEU A 136 22.59 -16.30 -5.31
CA LEU A 136 21.88 -17.34 -6.06
C LEU A 136 21.80 -18.63 -5.24
N CYS A 137 22.82 -18.93 -4.41
CA CYS A 137 22.92 -20.11 -3.53
C CYS A 137 21.88 -20.03 -2.42
N GLY A 138 21.80 -18.87 -1.77
CA GLY A 138 20.85 -18.63 -0.70
C GLY A 138 19.43 -18.59 -1.22
N ILE A 139 19.25 -17.94 -2.35
CA ILE A 139 17.90 -17.87 -2.93
C ILE A 139 17.42 -19.27 -3.35
N LYS A 140 18.36 -20.12 -3.91
CA LYS A 140 18.07 -21.49 -4.34
C LYS A 140 17.57 -22.31 -3.13
N HIS A 141 18.27 -22.15 -2.00
CA HIS A 141 18.00 -22.86 -0.74
C HIS A 141 16.64 -22.49 -0.17
N LEU A 142 16.24 -21.21 -0.31
CA LEU A 142 14.94 -20.71 0.17
C LEU A 142 13.83 -21.25 -0.70
N HIS A 143 14.02 -21.21 -2.04
CA HIS A 143 13.07 -21.73 -3.01
C HIS A 143 12.78 -23.21 -2.81
N SER A 144 13.82 -24.03 -2.53
CA SER A 144 13.69 -25.47 -2.27
C SER A 144 12.69 -25.79 -1.15
N ALA A 145 12.58 -24.87 -0.15
CA ALA A 145 11.70 -24.98 1.01
C ALA A 145 10.35 -24.26 0.78
N GLY A 146 10.13 -23.74 -0.43
CA GLY A 146 8.91 -23.02 -0.81
C GLY A 146 8.88 -21.56 -0.42
N ILE A 147 10.03 -20.99 -0.04
CA ILE A 147 10.13 -19.58 0.35
C ILE A 147 10.53 -18.74 -0.87
N ILE A 148 9.58 -17.98 -1.43
CA ILE A 148 9.84 -17.02 -2.51
C ILE A 148 9.89 -15.70 -1.81
N HIS A 149 11.07 -15.06 -1.79
CA HIS A 149 11.30 -13.82 -1.04
C HIS A 149 10.38 -12.65 -1.50
N ARG A 150 10.45 -12.28 -2.82
CA ARG A 150 9.68 -11.22 -3.46
C ARG A 150 10.12 -9.79 -3.09
N ASP A 151 11.04 -9.62 -2.11
CA ASP A 151 11.52 -8.28 -1.76
C ASP A 151 13.01 -8.29 -1.43
N LEU A 152 13.80 -8.92 -2.29
CA LEU A 152 15.24 -8.93 -2.09
C LEU A 152 15.80 -7.56 -2.48
N LYS A 153 16.64 -7.00 -1.59
CA LYS A 153 17.24 -5.67 -1.75
C LYS A 153 18.60 -5.60 -1.05
N PRO A 154 19.51 -4.69 -1.49
CA PRO A 154 20.83 -4.59 -0.85
C PRO A 154 20.83 -4.46 0.69
N SER A 155 19.86 -3.72 1.27
CA SER A 155 19.77 -3.52 2.73
C SER A 155 19.43 -4.82 3.49
N ASN A 156 18.84 -5.81 2.80
CA ASN A 156 18.47 -7.13 3.32
C ASN A 156 19.65 -8.13 3.27
N ILE A 157 20.84 -7.65 2.86
CA ILE A 157 22.02 -8.50 2.67
C ILE A 157 23.25 -7.90 3.35
N VAL A 158 24.01 -8.76 4.03
CA VAL A 158 25.22 -8.41 4.79
C VAL A 158 26.41 -9.20 4.28
N VAL A 159 27.62 -8.63 4.38
CA VAL A 159 28.84 -9.27 3.89
C VAL A 159 29.95 -9.21 4.95
N LYS A 160 30.93 -10.11 4.83
CA LYS A 160 32.10 -10.19 5.70
C LYS A 160 33.35 -9.71 4.92
N SER A 161 34.46 -9.40 5.63
CA SER A 161 35.72 -8.92 5.06
C SER A 161 36.26 -9.89 3.97
N ASP A 162 36.05 -11.22 4.16
CA ASP A 162 36.48 -12.29 3.25
C ASP A 162 35.52 -12.43 2.05
N CYS A 163 34.55 -11.50 1.86
CA CYS A 163 33.58 -11.43 0.75
C CYS A 163 32.42 -12.47 0.92
N THR A 164 32.31 -13.17 2.09
CA THR A 164 31.20 -14.11 2.32
C THR A 164 29.93 -13.30 2.60
N LEU A 165 28.82 -13.72 1.99
CA LEU A 165 27.54 -13.01 1.95
C LEU A 165 26.43 -13.82 2.64
N LYS A 166 25.50 -13.12 3.29
CA LYS A 166 24.33 -13.71 3.95
C LYS A 166 23.07 -12.85 3.76
N ILE A 167 21.94 -13.49 3.42
CA ILE A 167 20.63 -12.83 3.29
C ILE A 167 20.03 -12.75 4.72
N LEU A 168 19.58 -11.55 5.15
CA LEU A 168 19.05 -11.28 6.50
C LEU A 168 17.59 -11.69 6.70
N ASP A 169 16.75 -11.37 5.69
CA ASP A 169 15.30 -11.44 5.55
C ASP A 169 14.79 -12.72 4.82
N PHE A 170 13.44 -12.91 4.81
CA PHE A 170 12.75 -14.02 4.12
C PHE A 170 11.61 -13.47 3.25
N GLY A 171 11.40 -12.16 3.31
CA GLY A 171 10.37 -11.45 2.55
C GLY A 171 8.98 -11.89 2.91
N LEU A 172 8.14 -12.04 1.88
CA LEU A 172 6.75 -12.47 2.04
C LEU A 172 6.65 -13.99 2.27
N ALA A 173 7.81 -14.70 2.11
CA ALA A 173 8.10 -16.11 2.39
C ALA A 173 7.11 -17.14 1.78
N ARG A 174 6.19 -17.62 2.63
CA ARG A 174 5.20 -18.67 2.38
C ARG A 174 3.77 -18.14 1.99
N THR A 175 3.60 -16.83 1.72
CA THR A 175 2.29 -16.26 1.32
C THR A 175 1.97 -16.64 -0.16
N ALA A 176 0.79 -16.18 -0.70
CA ALA A 176 0.34 -16.42 -2.09
C ALA A 176 -0.71 -15.37 -2.59
N GLY A 177 -0.34 -14.08 -2.78
CA GLY A 177 0.96 -13.45 -2.54
C GLY A 177 1.06 -12.06 -3.15
N THR A 178 2.29 -11.70 -3.64
CA THR A 178 2.73 -10.47 -4.35
C THR A 178 2.09 -9.14 -3.83
N SER A 179 2.03 -8.93 -2.50
CA SER A 179 1.42 -7.71 -1.91
C SER A 179 2.03 -7.36 -0.54
N PHE A 180 2.60 -6.14 -0.41
CA PHE A 180 3.23 -5.62 0.83
C PHE A 180 2.67 -4.25 1.19
N MET A 181 2.14 -4.09 2.42
CA MET A 181 1.58 -2.81 2.87
C MET A 181 2.30 -2.32 4.15
N MET A 182 3.23 -1.35 4.00
CA MET A 182 4.02 -0.75 5.08
C MET A 182 3.79 0.76 5.12
N VAL A 187 9.44 0.35 1.97
CA VAL A 187 9.64 1.76 1.63
C VAL A 187 10.60 1.89 0.40
N THR A 188 11.37 0.82 0.09
CA THR A 188 12.26 0.76 -1.06
C THR A 188 11.69 -0.32 -1.99
N ARG A 189 11.20 0.11 -3.14
CA ARG A 189 10.49 -0.75 -4.08
C ARG A 189 11.23 -0.94 -5.40
N TYR A 190 12.41 -0.30 -5.56
CA TYR A 190 13.27 -0.29 -6.76
C TYR A 190 13.73 -1.65 -7.27
N TYR A 191 13.61 -2.70 -6.43
CA TYR A 191 14.10 -4.04 -6.74
C TYR A 191 12.98 -5.06 -6.96
N ARG A 192 11.71 -4.62 -6.79
CA ARG A 192 10.52 -5.46 -6.97
C ARG A 192 10.26 -5.71 -8.44
N ALA A 193 10.04 -6.99 -8.79
CA ALA A 193 9.80 -7.47 -10.15
C ALA A 193 8.51 -6.88 -10.76
N PRO A 194 8.47 -6.63 -12.10
CA PRO A 194 7.25 -6.07 -12.72
C PRO A 194 5.97 -6.86 -12.43
N GLU A 195 6.02 -8.21 -12.42
CA GLU A 195 4.83 -9.04 -12.14
C GLU A 195 4.28 -8.77 -10.71
N VAL A 196 5.15 -8.35 -9.78
CA VAL A 196 4.80 -7.97 -8.40
C VAL A 196 4.12 -6.59 -8.43
N ILE A 197 4.78 -5.60 -9.06
CA ILE A 197 4.28 -4.23 -9.21
C ILE A 197 2.86 -4.22 -9.82
N LEU A 198 2.73 -4.84 -11.02
CA LEU A 198 1.50 -4.88 -11.83
C LEU A 198 0.50 -5.94 -11.34
N GLY A 199 0.84 -6.71 -10.31
CA GLY A 199 0.00 -7.75 -9.70
C GLY A 199 -0.48 -8.83 -10.65
N MET A 200 0.47 -9.50 -11.35
CA MET A 200 0.20 -10.55 -12.33
C MET A 200 0.29 -11.97 -11.79
N GLY A 201 0.88 -12.13 -10.63
CA GLY A 201 1.20 -13.44 -10.06
C GLY A 201 2.68 -13.63 -10.32
N TYR A 202 3.36 -14.38 -9.44
CA TYR A 202 4.81 -14.61 -9.49
C TYR A 202 5.13 -16.10 -9.53
N LYS A 203 6.36 -16.42 -9.90
CA LYS A 203 6.91 -17.77 -9.89
C LYS A 203 8.26 -17.68 -9.17
N GLU A 204 9.09 -18.73 -9.13
CA GLU A 204 10.36 -18.62 -8.41
C GLU A 204 11.34 -17.56 -9.01
N ASN A 205 11.36 -17.34 -10.34
CA ASN A 205 12.30 -16.41 -10.99
C ASN A 205 11.93 -14.93 -10.73
N VAL A 206 10.95 -14.67 -9.86
CA VAL A 206 10.57 -13.31 -9.45
C VAL A 206 11.78 -12.68 -8.67
N ASP A 207 12.54 -13.53 -7.95
CA ASP A 207 13.70 -13.12 -7.16
C ASP A 207 14.92 -12.88 -8.07
N ILE A 208 14.89 -13.39 -9.33
CA ILE A 208 15.96 -13.19 -10.31
C ILE A 208 16.00 -11.73 -10.77
N TRP A 209 14.82 -11.12 -10.94
CA TRP A 209 14.73 -9.70 -11.31
C TRP A 209 15.47 -8.83 -10.28
N SER A 210 15.26 -9.11 -8.97
CA SER A 210 15.88 -8.38 -7.86
C SER A 210 17.40 -8.53 -7.91
N VAL A 211 17.91 -9.76 -8.23
CA VAL A 211 19.35 -10.05 -8.38
C VAL A 211 19.91 -9.24 -9.57
N GLY A 212 19.13 -9.14 -10.66
CA GLY A 212 19.48 -8.38 -11.86
C GLY A 212 19.61 -6.90 -11.55
N CYS A 213 18.66 -6.36 -10.77
CA CYS A 213 18.63 -4.97 -10.29
C CYS A 213 19.89 -4.68 -9.46
N ILE A 214 20.23 -5.58 -8.51
CA ILE A 214 21.39 -5.46 -7.61
C ILE A 214 22.71 -5.50 -8.44
N MET A 215 22.82 -6.43 -9.41
CA MET A 215 24.00 -6.59 -10.29
C MET A 215 24.23 -5.33 -11.16
N GLY A 216 23.14 -4.84 -11.75
CA GLY A 216 23.14 -3.65 -12.59
C GLY A 216 23.63 -2.45 -11.82
N GLU A 217 23.22 -2.38 -10.53
CA GLU A 217 23.62 -1.34 -9.59
C GLU A 217 25.10 -1.47 -9.26
N MET A 218 25.64 -2.71 -9.11
CA MET A 218 27.07 -2.92 -8.84
C MET A 218 27.93 -2.38 -10.00
N VAL A 219 27.43 -2.52 -11.22
CA VAL A 219 28.07 -2.07 -12.45
C VAL A 219 27.92 -0.53 -12.59
N ARG A 220 26.69 0.00 -12.49
CA ARG A 220 26.40 1.40 -12.74
C ARG A 220 26.73 2.35 -11.57
N HIS A 221 26.65 1.86 -10.33
CA HIS A 221 26.80 2.59 -9.07
C HIS A 221 25.70 3.66 -8.98
N LYS A 222 24.56 3.27 -9.51
CA LYS A 222 23.33 4.04 -9.53
C LYS A 222 22.17 3.07 -9.57
N ILE A 223 21.10 3.33 -8.79
CA ILE A 223 19.88 2.51 -8.77
C ILE A 223 19.28 2.47 -10.20
N LEU A 224 19.05 1.26 -10.74
CA LEU A 224 18.54 1.08 -12.11
C LEU A 224 17.18 1.72 -12.34
N PHE A 225 16.21 1.41 -11.44
CA PHE A 225 14.85 1.87 -11.60
C PHE A 225 14.40 2.71 -10.40
N PRO A 226 14.93 3.96 -10.26
CA PRO A 226 14.49 4.80 -9.13
C PRO A 226 13.11 5.40 -9.41
N GLY A 227 12.57 6.10 -8.43
CA GLY A 227 11.25 6.70 -8.57
C GLY A 227 10.53 6.95 -7.27
N ARG A 228 9.72 8.00 -7.26
CA ARG A 228 8.88 8.40 -6.13
C ARG A 228 7.82 7.34 -5.84
N ASP A 229 7.35 6.64 -6.89
CA ASP A 229 6.29 5.61 -6.82
C ASP A 229 6.42 4.61 -7.96
N TYR A 230 5.52 3.61 -8.02
CA TYR A 230 5.49 2.56 -9.04
C TYR A 230 5.29 3.10 -10.45
N ILE A 231 4.44 4.13 -10.62
CA ILE A 231 4.15 4.75 -11.92
C ILE A 231 5.46 5.32 -12.52
N ASP A 232 6.23 6.03 -11.68
CA ASP A 232 7.51 6.61 -12.03
C ASP A 232 8.53 5.52 -12.31
N GLN A 233 8.51 4.46 -11.48
CA GLN A 233 9.37 3.29 -11.56
C GLN A 233 9.16 2.52 -12.87
N TRP A 234 7.89 2.26 -13.27
CA TRP A 234 7.56 1.56 -14.51
C TRP A 234 8.09 2.31 -15.75
N ASN A 235 8.06 3.65 -15.71
CA ASN A 235 8.59 4.49 -16.79
C ASN A 235 10.08 4.22 -16.97
N LYS A 236 10.85 4.18 -15.86
CA LYS A 236 12.28 3.89 -15.83
C LYS A 236 12.59 2.49 -16.41
N VAL A 237 11.66 1.55 -16.26
CA VAL A 237 11.80 0.18 -16.76
C VAL A 237 11.61 0.19 -18.29
N ILE A 238 10.53 0.81 -18.80
CA ILE A 238 10.21 0.80 -20.23
C ILE A 238 11.17 1.72 -21.01
N GLU A 239 11.62 2.83 -20.42
CA GLU A 239 12.55 3.75 -21.07
C GLU A 239 13.87 3.06 -21.39
N GLN A 240 14.32 2.18 -20.48
CA GLN A 240 15.59 1.50 -20.55
C GLN A 240 15.54 0.12 -21.24
N LEU A 241 14.55 -0.72 -20.89
CA LEU A 241 14.47 -2.09 -21.42
C LEU A 241 13.53 -2.22 -22.63
N GLY A 242 12.68 -1.21 -22.82
CA GLY A 242 11.70 -1.22 -23.90
C GLY A 242 10.35 -1.70 -23.43
N THR A 243 9.32 -1.36 -24.21
CA THR A 243 7.93 -1.73 -23.99
C THR A 243 7.80 -3.25 -24.12
N PRO A 244 7.12 -3.95 -23.16
CA PRO A 244 7.00 -5.41 -23.28
C PRO A 244 6.10 -5.84 -24.45
N CYS A 245 6.28 -7.09 -24.91
CA CYS A 245 5.59 -7.71 -26.05
C CYS A 245 4.06 -7.72 -25.84
N PRO A 246 3.25 -7.68 -26.93
CA PRO A 246 1.79 -7.72 -26.76
C PRO A 246 1.31 -8.93 -25.96
N GLU A 247 2.01 -10.08 -26.10
CA GLU A 247 1.76 -11.33 -25.37
C GLU A 247 1.78 -11.09 -23.84
N PHE A 248 2.80 -10.33 -23.35
CA PHE A 248 2.92 -9.98 -21.94
C PHE A 248 1.78 -9.08 -21.51
N MET A 249 1.49 -8.05 -22.32
CA MET A 249 0.47 -7.06 -22.01
C MET A 249 -0.93 -7.68 -22.10
N LYS A 250 -1.05 -8.85 -22.77
CA LYS A 250 -2.28 -9.64 -22.87
C LYS A 250 -2.52 -10.33 -21.52
N LYS A 251 -1.42 -10.83 -20.88
CA LYS A 251 -1.42 -11.52 -19.59
C LYS A 251 -1.75 -10.58 -18.41
N LEU A 252 -1.90 -9.26 -18.69
CA LEU A 252 -2.33 -8.27 -17.70
C LEU A 252 -3.84 -8.24 -17.71
N GLN A 253 -4.45 -7.89 -16.57
CA GLN A 253 -5.90 -7.75 -16.53
C GLN A 253 -6.28 -6.40 -17.18
N PRO A 254 -7.51 -6.27 -17.78
CA PRO A 254 -7.86 -5.04 -18.54
C PRO A 254 -7.61 -3.64 -17.95
N THR A 255 -7.74 -3.43 -16.65
CA THR A 255 -7.59 -2.09 -16.08
C THR A 255 -6.13 -1.59 -16.04
N VAL A 256 -5.16 -2.42 -15.57
CA VAL A 256 -3.74 -1.99 -15.54
C VAL A 256 -3.18 -2.02 -16.99
N ARG A 257 -3.70 -2.95 -17.82
CA ARG A 257 -3.38 -3.15 -19.24
C ARG A 257 -3.64 -1.86 -20.02
N ASN A 258 -4.75 -1.18 -19.69
CA ASN A 258 -5.18 0.08 -20.30
C ASN A 258 -4.10 1.15 -20.13
N TYR A 259 -3.58 1.33 -18.89
CA TYR A 259 -2.53 2.31 -18.60
C TYR A 259 -1.20 1.93 -19.25
N VAL A 260 -0.78 0.65 -19.10
CA VAL A 260 0.47 0.11 -19.64
C VAL A 260 0.49 0.24 -21.18
N GLU A 261 -0.61 -0.16 -21.87
CA GLU A 261 -0.71 -0.06 -23.34
C GLU A 261 -0.82 1.39 -23.82
N ASN A 262 -1.28 2.33 -22.96
CA ASN A 262 -1.41 3.73 -23.36
C ASN A 262 -0.12 4.51 -23.20
N ARG A 263 0.90 3.90 -22.56
CA ARG A 263 2.21 4.52 -22.40
C ARG A 263 2.89 4.73 -23.77
N PRO A 264 3.75 5.76 -23.95
CA PRO A 264 4.47 5.87 -25.23
C PRO A 264 5.38 4.65 -25.43
N LYS A 265 5.40 4.09 -26.66
CA LYS A 265 6.18 2.91 -27.00
C LYS A 265 7.68 3.23 -27.04
N TYR A 266 8.49 2.39 -26.37
CA TYR A 266 9.95 2.50 -26.31
C TYR A 266 10.59 1.23 -26.88
N ALA A 267 11.65 1.39 -27.68
CA ALA A 267 12.40 0.23 -28.20
C ALA A 267 13.31 -0.32 -27.10
N GLY A 268 13.80 0.59 -26.26
CA GLY A 268 14.68 0.27 -25.17
C GLY A 268 16.13 0.27 -25.58
N LEU A 269 16.97 0.75 -24.69
CA LEU A 269 18.40 0.78 -24.89
C LEU A 269 18.90 -0.65 -24.84
N THR A 270 19.79 -1.00 -25.76
CA THR A 270 20.38 -2.35 -25.75
C THR A 270 21.26 -2.51 -24.48
N PHE A 271 21.59 -3.76 -24.09
CA PHE A 271 22.42 -3.96 -22.91
C PHE A 271 23.83 -3.41 -23.14
N PRO A 272 24.45 -3.43 -24.37
CA PRO A 272 25.73 -2.72 -24.55
C PRO A 272 25.65 -1.24 -24.22
N LYS A 273 24.51 -0.60 -24.51
CA LYS A 273 24.28 0.82 -24.26
C LYS A 273 23.89 1.09 -22.80
N LEU A 274 23.17 0.13 -22.18
CA LEU A 274 22.77 0.17 -20.77
C LEU A 274 23.97 -0.06 -19.85
N PHE A 275 24.85 -0.99 -20.25
CA PHE A 275 26.04 -1.30 -19.48
C PHE A 275 27.28 -1.31 -20.41
N PRO A 276 27.78 -0.10 -20.79
CA PRO A 276 28.95 -0.05 -21.68
C PRO A 276 30.24 -0.51 -21.03
N ASP A 277 31.23 -0.85 -21.86
CA ASP A 277 32.57 -1.32 -21.47
C ASP A 277 33.28 -0.36 -20.53
N SER A 278 32.89 0.93 -20.56
CA SER A 278 33.38 2.03 -19.70
C SER A 278 33.13 1.79 -18.23
N LEU A 279 32.02 1.09 -17.92
CA LEU A 279 31.62 0.75 -16.56
C LEU A 279 32.35 -0.47 -16.02
N PHE A 280 33.16 -1.15 -16.88
CA PHE A 280 33.83 -2.39 -16.55
C PHE A 280 35.35 -2.31 -16.57
N PRO A 281 36.07 -3.16 -15.75
CA PRO A 281 37.55 -3.13 -15.76
C PRO A 281 38.09 -3.32 -17.21
N ALA A 282 39.07 -2.49 -17.60
CA ALA A 282 39.58 -2.48 -18.98
C ALA A 282 41.03 -2.97 -19.15
N ASP A 283 41.46 -2.99 -20.42
CA ASP A 283 42.78 -3.28 -20.95
C ASP A 283 43.42 -4.58 -20.40
N SER A 284 42.75 -5.69 -20.74
CA SER A 284 43.13 -7.05 -20.42
C SER A 284 42.19 -7.93 -21.18
N GLU A 285 42.69 -9.05 -21.69
CA GLU A 285 41.90 -10.00 -22.46
C GLU A 285 40.86 -10.64 -21.55
N HIS A 286 41.24 -10.95 -20.30
CA HIS A 286 40.39 -11.55 -19.27
C HIS A 286 39.23 -10.60 -18.91
N ASN A 287 39.53 -9.29 -18.77
CA ASN A 287 38.56 -8.26 -18.45
C ASN A 287 37.59 -8.03 -19.62
N LYS A 288 38.08 -8.18 -20.87
CA LYS A 288 37.25 -8.04 -22.08
C LYS A 288 36.22 -9.16 -22.11
N LEU A 289 36.68 -10.40 -21.91
CA LEU A 289 35.87 -11.61 -21.83
C LEU A 289 34.80 -11.49 -20.74
N LYS A 290 35.19 -10.95 -19.58
CA LYS A 290 34.35 -10.87 -18.39
C LYS A 290 33.33 -9.77 -18.48
N ALA A 291 33.58 -8.73 -19.28
CA ALA A 291 32.62 -7.64 -19.44
C ALA A 291 31.41 -8.14 -20.25
N SER A 292 31.67 -8.90 -21.34
CA SER A 292 30.62 -9.46 -22.18
C SER A 292 29.85 -10.59 -21.49
N GLN A 293 30.50 -11.33 -20.54
CA GLN A 293 29.81 -12.43 -19.84
C GLN A 293 28.82 -11.86 -18.81
N ALA A 294 29.25 -10.81 -18.08
CA ALA A 294 28.48 -10.08 -17.07
C ALA A 294 27.26 -9.43 -17.72
N ARG A 295 27.47 -8.75 -18.88
CA ARG A 295 26.43 -8.08 -19.66
C ARG A 295 25.37 -9.09 -20.14
N ASP A 296 25.84 -10.28 -20.60
CA ASP A 296 25.00 -11.39 -21.07
C ASP A 296 24.10 -11.94 -19.95
N LEU A 297 24.62 -12.01 -18.72
CA LEU A 297 23.83 -12.48 -17.59
C LEU A 297 22.80 -11.41 -17.21
N LEU A 298 23.17 -10.13 -17.35
CA LEU A 298 22.24 -9.04 -17.07
C LEU A 298 21.09 -9.07 -18.08
N SER A 299 21.40 -9.35 -19.36
CA SER A 299 20.39 -9.40 -20.44
C SER A 299 19.39 -10.55 -20.27
N LYS A 300 19.73 -11.54 -19.44
CA LYS A 300 18.92 -12.72 -19.13
C LYS A 300 18.13 -12.57 -17.79
N MET A 301 18.67 -11.76 -16.83
CA MET A 301 18.04 -11.51 -15.51
C MET A 301 17.11 -10.32 -15.58
N LEU A 302 17.54 -9.22 -16.26
CA LEU A 302 16.73 -8.01 -16.41
C LEU A 302 15.80 -8.13 -17.64
N VAL A 303 14.78 -9.01 -17.51
CA VAL A 303 13.74 -9.32 -18.50
C VAL A 303 12.38 -9.07 -17.83
N ILE A 304 11.53 -8.22 -18.46
CA ILE A 304 10.21 -7.88 -17.91
C ILE A 304 9.35 -9.14 -17.81
N ASP A 305 9.19 -9.87 -18.94
CA ASP A 305 8.38 -11.08 -19.03
C ASP A 305 9.04 -12.21 -18.22
N PRO A 306 8.39 -12.69 -17.13
CA PRO A 306 9.02 -13.75 -16.33
C PRO A 306 9.10 -15.10 -17.07
N ALA A 307 8.30 -15.29 -18.14
CA ALA A 307 8.31 -16.50 -18.97
C ALA A 307 9.62 -16.62 -19.79
N LYS A 308 10.33 -15.48 -19.99
CA LYS A 308 11.57 -15.38 -20.75
C LYS A 308 12.80 -15.11 -19.85
N ARG A 309 12.58 -14.79 -18.55
CA ARG A 309 13.66 -14.51 -17.58
C ARG A 309 14.33 -15.82 -17.16
N ILE A 310 15.66 -15.78 -16.95
CA ILE A 310 16.47 -16.94 -16.53
C ILE A 310 16.08 -17.42 -15.09
N SER A 311 16.21 -18.73 -14.84
CA SER A 311 15.93 -19.31 -13.52
C SER A 311 17.17 -19.18 -12.65
N VAL A 312 17.06 -19.56 -11.37
CA VAL A 312 18.16 -19.58 -10.41
C VAL A 312 19.20 -20.68 -10.83
N ASP A 313 18.70 -21.87 -11.17
CA ASP A 313 19.46 -23.05 -11.59
C ASP A 313 20.29 -22.78 -12.83
N ASP A 314 19.68 -22.14 -13.84
CA ASP A 314 20.39 -21.81 -15.07
C ASP A 314 21.37 -20.65 -14.85
N ALA A 315 21.07 -19.71 -13.91
CA ALA A 315 21.94 -18.59 -13.59
C ALA A 315 23.23 -19.10 -12.93
N LEU A 316 23.10 -20.14 -12.07
CA LEU A 316 24.21 -20.81 -11.40
C LEU A 316 25.06 -21.60 -12.39
N GLN A 317 24.47 -21.89 -13.56
CA GLN A 317 25.10 -22.62 -14.64
C GLN A 317 25.75 -21.66 -15.69
N HIS A 318 25.53 -20.35 -15.55
CA HIS A 318 26.06 -19.33 -16.45
C HIS A 318 27.59 -19.20 -16.32
N PRO A 319 28.34 -19.03 -17.43
CA PRO A 319 29.82 -18.89 -17.33
C PRO A 319 30.35 -17.81 -16.37
N TYR A 320 29.58 -16.75 -16.11
CA TYR A 320 30.02 -15.67 -15.20
C TYR A 320 30.00 -16.14 -13.73
N ILE A 321 29.06 -17.05 -13.38
CA ILE A 321 28.82 -17.54 -12.03
C ILE A 321 29.39 -18.94 -11.80
N ASN A 322 29.21 -19.85 -12.78
CA ASN A 322 29.60 -21.26 -12.69
C ASN A 322 31.04 -21.53 -12.21
N VAL A 323 31.95 -20.54 -12.32
CA VAL A 323 33.33 -20.66 -11.87
C VAL A 323 33.41 -20.98 -10.36
N TRP A 324 32.35 -20.64 -9.60
CA TRP A 324 32.29 -20.88 -8.16
C TRP A 324 31.49 -22.11 -7.78
N TYR A 325 30.77 -22.70 -8.75
CA TYR A 325 29.87 -23.83 -8.51
C TYR A 325 30.50 -24.96 -7.69
N ASP A 326 29.86 -25.27 -6.56
CA ASP A 326 30.24 -26.34 -5.65
C ASP A 326 28.97 -27.11 -5.26
N PRO A 327 28.79 -28.38 -5.70
CA PRO A 327 27.58 -29.15 -5.35
C PRO A 327 27.26 -29.16 -3.85
N ALA A 328 28.29 -29.08 -2.98
CA ALA A 328 28.13 -29.06 -1.53
C ALA A 328 27.41 -27.78 -1.04
N GLU A 329 27.55 -26.64 -1.79
CA GLU A 329 26.93 -25.37 -1.41
C GLU A 329 25.58 -25.16 -2.11
N VAL A 330 25.50 -25.58 -3.38
CA VAL A 330 24.36 -25.41 -4.27
C VAL A 330 23.28 -26.48 -4.05
N GLU A 331 23.67 -27.78 -4.04
CA GLU A 331 22.73 -28.91 -3.92
C GLU A 331 22.52 -29.37 -2.47
N ALA A 332 22.65 -28.46 -1.47
CA ALA A 332 22.45 -28.78 -0.05
C ALA A 332 20.96 -29.16 0.27
N PRO A 333 20.69 -30.09 1.20
CA PRO A 333 19.29 -30.51 1.46
C PRO A 333 18.36 -29.39 1.97
N PRO A 334 17.15 -29.26 1.36
CA PRO A 334 16.20 -28.22 1.80
C PRO A 334 15.74 -28.36 3.24
N PRO A 335 15.48 -27.24 3.97
CA PRO A 335 14.96 -27.37 5.35
C PRO A 335 13.50 -27.82 5.35
N GLN A 336 13.14 -28.71 6.28
CA GLN A 336 11.77 -29.26 6.36
C GLN A 336 10.99 -28.56 7.47
N ILE A 337 9.91 -27.87 7.09
CA ILE A 337 9.01 -27.08 7.94
C ILE A 337 9.83 -25.93 8.56
N GLN A 341 1.25 -20.32 12.80
CA GLN A 341 0.84 -21.71 13.00
C GLN A 341 0.02 -22.19 11.78
N LEU A 342 0.67 -22.59 10.65
CA LEU A 342 2.12 -22.61 10.43
C LEU A 342 2.62 -21.29 9.81
N ASP A 343 2.55 -21.13 8.45
CA ASP A 343 3.05 -19.92 7.80
C ASP A 343 2.12 -19.35 6.69
N GLU A 344 0.80 -19.22 6.99
CA GLU A 344 -0.26 -18.64 6.12
C GLU A 344 -1.64 -18.61 6.82
N ARG A 345 -1.69 -19.01 8.11
CA ARG A 345 -2.91 -18.96 8.92
C ARG A 345 -2.88 -17.69 9.77
N GLU A 346 -4.03 -16.98 9.86
CA GLU A 346 -4.18 -15.77 10.66
C GLU A 346 -4.48 -16.11 12.13
N HIS A 347 -4.09 -15.21 13.04
CA HIS A 347 -4.27 -15.30 14.50
C HIS A 347 -4.48 -13.91 15.08
N THR A 348 -5.06 -13.82 16.29
CA THR A 348 -5.19 -12.54 17.00
C THR A 348 -3.78 -12.11 17.45
N ILE A 349 -3.59 -10.85 17.83
CA ILE A 349 -2.28 -10.37 18.31
C ILE A 349 -1.90 -11.16 19.59
N GLU A 350 -2.89 -11.44 20.49
CA GLU A 350 -2.70 -12.24 21.71
C GLU A 350 -2.19 -13.66 21.40
N GLU A 351 -2.76 -14.26 20.34
CA GLU A 351 -2.44 -15.60 19.84
C GLU A 351 -1.06 -15.65 19.18
N TRP A 352 -0.63 -14.55 18.51
CA TRP A 352 0.71 -14.48 17.92
C TRP A 352 1.73 -14.34 19.05
N LYS A 353 1.41 -13.50 20.06
CA LYS A 353 2.25 -13.28 21.24
C LYS A 353 2.59 -14.63 21.91
N GLU A 354 1.58 -15.51 22.10
CA GLU A 354 1.79 -16.82 22.72
C GLU A 354 2.60 -17.73 21.83
N LEU A 355 2.33 -17.67 20.50
CA LEU A 355 3.10 -18.44 19.52
C LEU A 355 4.55 -17.97 19.54
N ILE A 356 4.78 -16.63 19.68
CA ILE A 356 6.11 -16.03 19.68
C ILE A 356 6.84 -16.36 21.01
N TYR A 357 6.10 -16.30 22.15
CA TYR A 357 6.66 -16.60 23.47
C TYR A 357 7.18 -18.03 23.58
N LYS A 358 6.41 -19.01 23.08
CA LYS A 358 6.78 -20.43 23.12
C LYS A 358 8.02 -20.71 22.25
N GLU A 359 8.20 -19.97 21.12
CA GLU A 359 9.37 -20.08 20.24
C GLU A 359 10.62 -19.61 20.95
N VAL A 360 10.55 -18.44 21.65
CA VAL A 360 11.64 -17.83 22.43
C VAL A 360 12.04 -18.76 23.60
N MET A 361 11.05 -19.39 24.27
CA MET A 361 11.25 -20.27 25.44
C MET A 361 11.76 -21.65 25.03
N ASN A 362 11.15 -22.28 24.01
CA ASN A 362 11.60 -23.59 23.54
C ASN A 362 12.53 -23.39 22.33
N SER A 363 13.85 -23.32 22.60
CA SER A 363 14.87 -23.09 21.57
C SER A 363 16.13 -23.89 21.86
N ASP B 7 -0.54 37.71 -11.93
CA ASP B 7 0.56 38.34 -12.68
C ASP B 7 1.89 38.24 -11.92
N ASN B 8 3.02 38.29 -12.68
CA ASN B 8 4.44 38.23 -12.24
C ASN B 8 4.78 36.91 -11.51
N GLN B 9 4.02 36.58 -10.43
CA GLN B 9 4.14 35.36 -9.63
C GLN B 9 3.32 34.26 -10.28
N PHE B 10 2.27 34.69 -11.01
CA PHE B 10 1.26 33.91 -11.70
C PHE B 10 1.39 33.97 -13.23
N TYR B 11 0.79 32.97 -13.88
CA TYR B 11 0.69 32.82 -15.32
C TYR B 11 -0.63 32.12 -15.65
N SER B 12 -1.18 32.36 -16.84
CA SER B 12 -2.45 31.76 -17.28
C SER B 12 -2.23 30.63 -18.28
N VAL B 13 -3.16 29.65 -18.27
CA VAL B 13 -3.13 28.48 -19.16
C VAL B 13 -4.56 27.91 -19.26
N GLU B 14 -5.04 27.68 -20.49
CA GLU B 14 -6.36 27.11 -20.76
C GLU B 14 -6.28 25.58 -20.66
N VAL B 15 -6.95 25.01 -19.63
CA VAL B 15 -6.97 23.57 -19.38
C VAL B 15 -8.41 23.09 -19.43
N GLY B 16 -8.70 22.18 -20.38
CA GLY B 16 -10.01 21.58 -20.59
C GLY B 16 -11.15 22.57 -20.67
N ASP B 17 -11.01 23.60 -21.55
CA ASP B 17 -11.97 24.69 -21.81
C ASP B 17 -12.18 25.59 -20.57
N SER B 18 -11.14 25.72 -19.72
CA SER B 18 -11.18 26.55 -18.51
C SER B 18 -9.83 27.25 -18.31
N THR B 19 -9.86 28.56 -18.02
CA THR B 19 -8.64 29.32 -17.81
C THR B 19 -8.16 29.10 -16.36
N PHE B 20 -6.92 28.67 -16.22
CA PHE B 20 -6.25 28.44 -14.95
C PHE B 20 -5.15 29.49 -14.76
N THR B 21 -5.35 30.40 -13.79
CA THR B 21 -4.33 31.42 -13.47
C THR B 21 -3.68 30.93 -12.18
N VAL B 22 -2.57 30.20 -12.34
CA VAL B 22 -1.86 29.56 -11.24
C VAL B 22 -0.44 30.12 -11.03
N LEU B 23 0.17 29.80 -9.86
CA LEU B 23 1.55 30.18 -9.51
C LEU B 23 2.53 29.53 -10.48
N LYS B 24 3.63 30.24 -10.81
CA LYS B 24 4.64 29.77 -11.76
C LYS B 24 5.34 28.46 -11.31
N ARG B 25 5.12 28.03 -10.04
CA ARG B 25 5.67 26.78 -9.48
C ARG B 25 4.92 25.54 -10.03
N TYR B 26 3.67 25.73 -10.49
CA TYR B 26 2.86 24.63 -11.03
C TYR B 26 2.94 24.66 -12.54
N GLN B 27 3.60 23.64 -13.12
CA GLN B 27 3.85 23.51 -14.56
C GLN B 27 3.23 22.23 -15.13
N ASN B 28 3.28 22.08 -16.49
CA ASN B 28 2.79 20.94 -17.29
C ASN B 28 1.35 20.55 -16.90
N LEU B 29 0.44 21.56 -16.80
CA LEU B 29 -0.97 21.39 -16.43
C LEU B 29 -1.74 20.53 -17.43
N LYS B 30 -2.33 19.42 -16.95
CA LYS B 30 -3.06 18.45 -17.77
C LYS B 30 -4.46 18.21 -17.20
N PRO B 31 -5.54 18.18 -18.03
CA PRO B 31 -6.89 17.95 -17.46
C PRO B 31 -7.09 16.52 -16.94
N ILE B 32 -7.80 16.36 -15.81
CA ILE B 32 -8.08 15.04 -15.21
C ILE B 32 -9.55 14.93 -14.78
N GLY B 33 -10.13 16.04 -14.29
CA GLY B 33 -11.51 16.08 -13.80
C GLY B 33 -12.36 17.24 -14.27
N SER B 34 -13.44 16.93 -15.00
CA SER B 34 -14.42 17.88 -15.53
C SER B 34 -15.81 17.23 -15.51
N GLY B 35 -16.57 17.54 -14.46
CA GLY B 35 -17.91 16.99 -14.23
C GLY B 35 -17.97 16.05 -13.05
N ALA B 36 -19.02 16.13 -12.20
CA ALA B 36 -20.18 17.03 -12.31
C ALA B 36 -19.92 18.44 -11.71
N GLN B 37 -18.92 18.56 -10.81
CA GLN B 37 -18.60 19.84 -10.16
C GLN B 37 -17.09 19.97 -9.87
N GLY B 38 -16.58 21.18 -10.09
CA GLY B 38 -15.19 21.54 -9.87
C GLY B 38 -14.28 21.16 -11.03
N ILE B 39 -13.54 22.15 -11.56
CA ILE B 39 -12.60 21.95 -12.66
C ILE B 39 -11.25 21.53 -12.04
N VAL B 40 -10.87 20.24 -12.21
CA VAL B 40 -9.63 19.67 -11.67
C VAL B 40 -8.67 19.34 -12.81
N CYS B 41 -7.37 19.56 -12.57
CA CYS B 41 -6.30 19.24 -13.48
C CYS B 41 -5.08 18.71 -12.69
N ALA B 42 -4.14 18.07 -13.38
CA ALA B 42 -2.89 17.57 -12.82
C ALA B 42 -1.76 18.53 -13.19
N ALA B 43 -0.79 18.71 -12.30
CA ALA B 43 0.35 19.60 -12.53
C ALA B 43 1.58 19.16 -11.76
N TYR B 44 2.75 19.62 -12.19
CA TYR B 44 4.00 19.32 -11.52
C TYR B 44 4.40 20.53 -10.67
N ASP B 45 4.61 20.31 -9.36
CA ASP B 45 5.07 21.36 -8.44
C ASP B 45 6.59 21.38 -8.50
N ALA B 46 7.18 22.48 -9.00
CA ALA B 46 8.63 22.62 -9.13
C ALA B 46 9.29 22.80 -7.76
N VAL B 47 8.61 23.53 -6.84
CA VAL B 47 9.10 23.81 -5.49
C VAL B 47 9.25 22.50 -4.70
N LEU B 48 8.21 21.65 -4.72
CA LEU B 48 8.18 20.40 -3.95
C LEU B 48 8.72 19.18 -4.72
N ASP B 49 8.94 19.31 -6.06
CA ASP B 49 9.41 18.24 -6.98
C ASP B 49 8.47 17.02 -6.87
N ARG B 50 7.17 17.29 -6.97
CA ARG B 50 6.11 16.30 -6.87
C ARG B 50 4.94 16.70 -7.75
N ASN B 51 4.13 15.70 -8.15
CA ASN B 51 2.93 15.94 -8.94
C ASN B 51 1.79 16.25 -7.99
N VAL B 52 0.96 17.23 -8.35
CA VAL B 52 -0.18 17.66 -7.55
C VAL B 52 -1.46 17.65 -8.40
N ALA B 53 -2.61 17.84 -7.73
CA ALA B 53 -3.91 18.01 -8.35
C ALA B 53 -4.43 19.39 -7.94
N ILE B 54 -4.77 20.25 -8.94
CA ILE B 54 -5.28 21.60 -8.70
C ILE B 54 -6.76 21.69 -9.08
N LYS B 55 -7.60 22.05 -8.11
CA LYS B 55 -9.03 22.22 -8.31
C LYS B 55 -9.40 23.72 -8.23
N LYS B 56 -10.12 24.26 -9.24
CA LYS B 56 -10.49 25.69 -9.27
C LYS B 56 -11.97 25.92 -8.94
N LEU B 57 -12.23 26.85 -8.02
CA LEU B 57 -13.55 27.29 -7.59
C LEU B 57 -13.71 28.73 -8.03
N SER B 58 -14.57 28.97 -9.02
CA SER B 58 -14.84 30.29 -9.59
C SER B 58 -16.02 30.95 -8.88
N ARG B 59 -15.78 32.13 -8.24
CA ARG B 59 -16.72 32.91 -7.41
C ARG B 59 -17.44 31.97 -6.42
N PRO B 60 -16.72 31.25 -5.54
CA PRO B 60 -17.38 30.30 -4.65
C PRO B 60 -18.46 30.94 -3.76
N PHE B 61 -18.38 32.29 -3.54
CA PHE B 61 -19.33 33.11 -2.76
C PHE B 61 -20.54 33.61 -3.60
N GLN B 62 -20.85 32.90 -4.71
CA GLN B 62 -21.93 33.19 -5.67
C GLN B 62 -23.30 33.32 -5.01
N ASN B 63 -23.62 32.35 -4.13
CA ASN B 63 -24.88 32.19 -3.42
C ASN B 63 -24.67 31.30 -2.19
N GLN B 64 -25.61 31.35 -1.23
CA GLN B 64 -25.58 30.62 0.04
C GLN B 64 -25.11 29.15 -0.07
N THR B 65 -25.77 28.32 -0.88
CA THR B 65 -25.46 26.89 -0.98
C THR B 65 -24.06 26.65 -1.57
N HIS B 66 -23.71 27.40 -2.62
CA HIS B 66 -22.41 27.36 -3.30
C HIS B 66 -21.30 27.80 -2.36
N ALA B 67 -21.56 28.85 -1.55
CA ALA B 67 -20.60 29.41 -0.61
C ALA B 67 -20.41 28.53 0.60
N LYS B 68 -21.51 27.96 1.14
CA LYS B 68 -21.49 27.04 2.30
C LYS B 68 -20.61 25.81 2.00
N ARG B 69 -20.69 25.25 0.77
CA ARG B 69 -19.89 24.11 0.32
C ARG B 69 -18.40 24.47 0.26
N ALA B 70 -18.06 25.51 -0.52
CA ALA B 70 -16.69 25.96 -0.72
C ALA B 70 -16.02 26.34 0.59
N TYR B 71 -16.74 27.04 1.49
CA TYR B 71 -16.20 27.41 2.80
C TYR B 71 -15.97 26.15 3.67
N ARG B 72 -16.98 25.25 3.79
CA ARG B 72 -16.88 24.02 4.60
C ARG B 72 -15.72 23.10 4.08
N GLU B 73 -15.63 22.88 2.75
CA GLU B 73 -14.57 22.05 2.12
C GLU B 73 -13.17 22.64 2.39
N LEU B 74 -13.02 23.97 2.27
CA LEU B 74 -11.75 24.67 2.48
C LEU B 74 -11.31 24.57 3.95
N VAL B 75 -12.26 24.74 4.88
CA VAL B 75 -12.03 24.66 6.33
C VAL B 75 -11.71 23.21 6.73
N LEU B 76 -12.49 22.23 6.25
CA LEU B 76 -12.28 20.84 6.64
C LEU B 76 -11.02 20.25 6.04
N MET B 77 -10.69 20.54 4.75
CA MET B 77 -9.46 20.04 4.13
C MET B 77 -8.22 20.55 4.88
N LYS B 78 -8.31 21.77 5.46
CA LYS B 78 -7.22 22.39 6.21
C LYS B 78 -7.09 21.78 7.62
N CYS B 79 -8.19 21.68 8.38
CA CYS B 79 -8.22 21.17 9.75
C CYS B 79 -7.97 19.65 9.85
N VAL B 80 -8.51 18.83 8.92
CA VAL B 80 -8.33 17.38 8.93
C VAL B 80 -6.91 17.02 8.47
N ASN B 81 -6.25 16.09 9.19
CA ASN B 81 -4.93 15.59 8.85
C ASN B 81 -4.88 14.06 9.09
N HIS B 82 -5.50 13.30 8.16
CA HIS B 82 -5.56 11.84 8.21
C HIS B 82 -5.12 11.26 6.88
N LYS B 83 -4.35 10.15 6.89
CA LYS B 83 -3.78 9.50 5.70
C LYS B 83 -4.84 8.95 4.75
N ASN B 84 -6.08 8.82 5.20
CA ASN B 84 -7.14 8.30 4.34
C ASN B 84 -8.13 9.39 3.90
N ILE B 85 -7.78 10.68 4.13
CA ILE B 85 -8.58 11.84 3.72
C ILE B 85 -7.62 12.77 2.97
N ILE B 86 -8.01 13.23 1.76
CA ILE B 86 -7.19 14.13 0.94
C ILE B 86 -6.85 15.44 1.72
N SER B 87 -5.56 15.79 1.72
CA SER B 87 -5.07 16.97 2.44
C SER B 87 -4.79 18.14 1.49
N LEU B 88 -4.97 19.35 2.01
CA LEU B 88 -4.71 20.58 1.29
C LEU B 88 -3.22 20.94 1.37
N LEU B 89 -2.49 20.75 0.26
CA LEU B 89 -1.07 21.12 0.19
C LEU B 89 -0.93 22.64 0.14
N ASN B 90 -1.76 23.31 -0.69
CA ASN B 90 -1.74 24.75 -0.85
C ASN B 90 -3.11 25.29 -1.30
N VAL B 91 -3.34 26.61 -1.08
CA VAL B 91 -4.54 27.36 -1.48
C VAL B 91 -4.11 28.79 -1.84
N PHE B 92 -4.61 29.30 -2.98
CA PHE B 92 -4.26 30.65 -3.44
C PHE B 92 -5.35 31.25 -4.34
N THR B 93 -5.24 32.57 -4.55
CA THR B 93 -6.10 33.38 -5.41
C THR B 93 -5.17 34.30 -6.24
N PRO B 94 -5.41 34.43 -7.57
CA PRO B 94 -4.53 35.31 -8.36
C PRO B 94 -4.86 36.79 -8.16
N GLN B 95 -6.03 37.09 -7.57
CA GLN B 95 -6.49 38.45 -7.31
C GLN B 95 -5.83 39.00 -6.03
N LYS B 96 -5.38 40.27 -6.11
CA LYS B 96 -4.61 40.97 -5.05
C LYS B 96 -5.44 41.52 -3.86
N THR B 97 -6.74 41.80 -4.04
CA THR B 97 -7.57 42.35 -2.94
C THR B 97 -8.92 41.65 -2.81
N LEU B 98 -9.64 41.92 -1.70
CA LEU B 98 -10.98 41.41 -1.39
C LEU B 98 -11.97 41.85 -2.48
N GLU B 99 -11.82 43.09 -2.97
CA GLU B 99 -12.66 43.68 -4.02
C GLU B 99 -12.51 42.90 -5.34
N GLU B 100 -11.26 42.67 -5.77
CA GLU B 100 -10.94 41.96 -7.00
C GLU B 100 -11.16 40.44 -6.88
N PHE B 101 -11.11 39.88 -5.65
CA PHE B 101 -11.23 38.44 -5.35
C PHE B 101 -12.42 37.77 -6.04
N GLN B 102 -12.13 36.70 -6.79
CA GLN B 102 -13.11 35.93 -7.56
C GLN B 102 -12.86 34.43 -7.53
N ASP B 103 -11.59 33.99 -7.61
CA ASP B 103 -11.29 32.56 -7.75
C ASP B 103 -10.50 31.95 -6.61
N VAL B 104 -10.74 30.65 -6.35
CA VAL B 104 -10.05 29.86 -5.33
C VAL B 104 -9.46 28.60 -5.98
N TYR B 105 -8.18 28.35 -5.72
CA TYR B 105 -7.47 27.17 -6.23
C TYR B 105 -6.98 26.31 -5.08
N LEU B 106 -7.50 25.08 -4.98
CA LEU B 106 -7.08 24.12 -3.95
C LEU B 106 -6.07 23.16 -4.57
N VAL B 107 -4.89 23.06 -3.93
CA VAL B 107 -3.79 22.21 -4.37
C VAL B 107 -3.70 21.03 -3.41
N MET B 108 -3.83 19.81 -3.94
CA MET B 108 -3.76 18.58 -3.15
C MET B 108 -2.82 17.55 -3.83
N GLU B 109 -2.48 16.47 -3.11
CA GLU B 109 -1.62 15.39 -3.59
C GLU B 109 -2.26 14.71 -4.80
N LEU B 110 -1.47 14.38 -5.82
CA LEU B 110 -2.01 13.73 -6.99
C LEU B 110 -2.06 12.23 -6.76
N MET B 111 -3.23 11.65 -6.92
CA MET B 111 -3.44 10.22 -6.79
C MET B 111 -3.45 9.64 -8.20
N ASP B 112 -3.18 8.35 -8.32
CA ASP B 112 -3.05 7.71 -9.62
C ASP B 112 -4.37 7.47 -10.33
N ALA B 113 -5.42 7.05 -9.62
CA ALA B 113 -6.72 6.76 -10.23
C ALA B 113 -7.87 6.99 -9.26
N ASN B 114 -9.08 7.08 -9.81
CA ASN B 114 -10.31 7.21 -9.04
C ASN B 114 -10.83 5.79 -8.77
N LEU B 115 -11.56 5.56 -7.65
CA LEU B 115 -12.10 4.23 -7.31
C LEU B 115 -13.00 3.68 -8.46
N CYS B 116 -13.64 4.57 -9.25
CA CYS B 116 -14.49 4.23 -10.39
C CYS B 116 -13.74 3.43 -11.49
N GLN B 117 -12.44 3.64 -11.56
CA GLN B 117 -11.56 2.94 -12.49
C GLN B 117 -10.72 1.86 -11.81
N VAL B 118 -11.22 1.33 -10.72
CA VAL B 118 -10.56 0.33 -9.88
C VAL B 118 -11.55 -0.79 -9.49
N ILE B 119 -12.88 -0.48 -9.39
CA ILE B 119 -13.94 -1.45 -9.06
C ILE B 119 -14.02 -2.57 -10.13
N GLN B 120 -13.56 -2.28 -11.35
CA GLN B 120 -13.51 -3.20 -12.49
C GLN B 120 -12.37 -4.21 -12.38
N MET B 121 -11.33 -3.91 -11.56
CA MET B 121 -10.17 -4.78 -11.39
C MET B 121 -10.49 -6.04 -10.60
N GLU B 122 -9.88 -7.17 -11.00
CA GLU B 122 -9.98 -8.42 -10.27
C GLU B 122 -9.02 -8.27 -9.12
N LEU B 123 -9.56 -8.22 -7.90
CA LEU B 123 -8.78 -7.98 -6.70
C LEU B 123 -8.64 -9.22 -5.86
N ASP B 124 -7.49 -9.32 -5.22
CA ASP B 124 -7.08 -10.33 -4.26
C ASP B 124 -7.67 -9.96 -2.90
N HIS B 125 -7.83 -10.94 -2.00
CA HIS B 125 -8.42 -10.69 -0.68
C HIS B 125 -7.55 -9.73 0.17
N GLU B 126 -6.24 -9.68 -0.09
CA GLU B 126 -5.32 -8.79 0.64
C GLU B 126 -5.54 -7.33 0.24
N ARG B 127 -5.54 -7.03 -1.06
CA ARG B 127 -5.76 -5.66 -1.52
C ARG B 127 -7.17 -5.17 -1.22
N MET B 128 -8.19 -6.03 -1.46
CA MET B 128 -9.59 -5.66 -1.22
C MET B 128 -9.84 -5.28 0.24
N SER B 129 -9.45 -6.17 1.18
CA SER B 129 -9.61 -5.96 2.64
C SER B 129 -8.87 -4.70 3.10
N TYR B 130 -7.68 -4.39 2.47
CA TYR B 130 -6.87 -3.20 2.77
C TYR B 130 -7.57 -1.92 2.31
N LEU B 131 -8.22 -1.92 1.11
CA LEU B 131 -8.95 -0.76 0.56
C LEU B 131 -10.15 -0.43 1.46
N LEU B 132 -10.90 -1.47 1.87
CA LEU B 132 -12.06 -1.32 2.76
C LEU B 132 -11.62 -0.88 4.17
N TYR B 133 -10.47 -1.39 4.66
CA TYR B 133 -9.89 -1.01 5.96
C TYR B 133 -9.60 0.51 6.00
N GLN B 134 -9.02 1.03 4.91
CA GLN B 134 -8.69 2.45 4.75
C GLN B 134 -9.97 3.30 4.67
N MET B 135 -10.99 2.81 3.96
CA MET B 135 -12.29 3.47 3.86
C MET B 135 -12.90 3.61 5.25
N LEU B 136 -12.95 2.50 6.00
CA LEU B 136 -13.50 2.44 7.34
C LEU B 136 -12.73 3.36 8.30
N CYS B 137 -11.40 3.51 8.07
CA CYS B 137 -10.49 4.37 8.86
C CYS B 137 -10.80 5.84 8.62
N GLY B 138 -10.93 6.20 7.34
CA GLY B 138 -11.24 7.53 6.86
C GLY B 138 -12.60 7.99 7.35
N ILE B 139 -13.61 7.07 7.28
CA ILE B 139 -14.98 7.35 7.72
C ILE B 139 -15.05 7.46 9.26
N LYS B 140 -14.28 6.61 10.00
CA LYS B 140 -14.20 6.63 11.46
C LYS B 140 -13.68 8.00 11.94
N HIS B 141 -12.63 8.51 11.27
CA HIS B 141 -11.98 9.77 11.61
C HIS B 141 -12.92 10.96 11.38
N LEU B 142 -13.80 10.89 10.34
CA LEU B 142 -14.78 11.94 10.05
C LEU B 142 -15.88 11.92 11.10
N HIS B 143 -16.37 10.72 11.44
CA HIS B 143 -17.41 10.52 12.46
C HIS B 143 -16.97 11.05 13.83
N SER B 144 -15.68 10.82 14.23
CA SER B 144 -15.08 11.31 15.49
C SER B 144 -15.22 12.81 15.66
N ALA B 145 -15.20 13.57 14.55
CA ALA B 145 -15.35 15.03 14.50
C ALA B 145 -16.81 15.47 14.25
N GLY B 146 -17.76 14.53 14.22
CA GLY B 146 -19.17 14.79 13.98
C GLY B 146 -19.58 14.91 12.52
N ILE B 147 -18.68 14.54 11.58
CA ILE B 147 -18.95 14.62 10.15
C ILE B 147 -19.51 13.28 9.65
N ILE B 148 -20.80 13.23 9.34
CA ILE B 148 -21.45 12.06 8.73
C ILE B 148 -21.50 12.41 7.27
N HIS B 149 -20.76 11.66 6.43
CA HIS B 149 -20.65 11.92 5.00
C HIS B 149 -22.02 11.89 4.28
N ARG B 150 -22.75 10.74 4.34
CA ARG B 150 -24.08 10.47 3.74
C ARG B 150 -24.07 10.33 2.22
N ASP B 151 -22.92 10.61 1.56
CA ASP B 151 -22.86 10.47 0.11
C ASP B 151 -21.51 9.91 -0.34
N LEU B 152 -21.07 8.85 0.33
CA LEU B 152 -19.83 8.20 -0.06
C LEU B 152 -20.10 7.38 -1.34
N LYS B 153 -19.23 7.58 -2.33
CA LYS B 153 -19.35 6.92 -3.64
C LYS B 153 -17.97 6.72 -4.25
N PRO B 154 -17.80 5.74 -5.17
CA PRO B 154 -16.49 5.51 -5.81
C PRO B 154 -15.82 6.75 -6.42
N SER B 155 -16.59 7.68 -7.03
CA SER B 155 -16.05 8.90 -7.65
C SER B 155 -15.45 9.87 -6.60
N ASN B 156 -15.90 9.76 -5.33
CA ASN B 156 -15.42 10.56 -4.19
C ASN B 156 -14.17 9.98 -3.55
N ILE B 157 -13.60 8.92 -4.15
CA ILE B 157 -12.45 8.22 -3.59
C ILE B 157 -11.37 8.02 -4.67
N VAL B 158 -10.13 8.28 -4.27
CA VAL B 158 -8.97 8.19 -5.13
C VAL B 158 -7.96 7.20 -4.52
N VAL B 159 -7.18 6.54 -5.38
CA VAL B 159 -6.20 5.57 -4.92
C VAL B 159 -4.85 5.85 -5.61
N LYS B 160 -3.77 5.36 -4.97
CA LYS B 160 -2.39 5.44 -5.41
C LYS B 160 -1.93 4.03 -5.69
N SER B 161 -0.92 3.87 -6.56
CA SER B 161 -0.30 2.62 -7.02
C SER B 161 0.04 1.63 -5.86
N ASP B 162 0.44 2.18 -4.68
CA ASP B 162 0.82 1.42 -3.48
C ASP B 162 -0.42 0.91 -2.68
N CYS B 163 -1.61 1.00 -3.27
CA CYS B 163 -2.89 0.55 -2.70
C CYS B 163 -3.40 1.48 -1.59
N THR B 164 -2.76 2.65 -1.41
CA THR B 164 -3.18 3.68 -0.48
C THR B 164 -4.46 4.27 -1.03
N LEU B 165 -5.40 4.59 -0.14
CA LEU B 165 -6.71 5.14 -0.49
C LEU B 165 -6.97 6.45 0.27
N LYS B 166 -7.65 7.41 -0.38
CA LYS B 166 -8.05 8.69 0.23
C LYS B 166 -9.44 9.12 -0.21
N ILE B 167 -10.28 9.57 0.74
CA ILE B 167 -11.63 10.12 0.50
C ILE B 167 -11.44 11.61 0.10
N LEU B 168 -12.06 12.04 -1.01
CA LEU B 168 -11.95 13.42 -1.56
C LEU B 168 -12.82 14.50 -0.88
N ASP B 169 -14.08 14.18 -0.56
CA ASP B 169 -14.96 15.21 0.02
C ASP B 169 -15.42 14.80 1.42
N PHE B 170 -16.25 15.66 2.03
CA PHE B 170 -16.72 15.48 3.40
C PHE B 170 -18.22 15.32 3.44
N GLY B 171 -18.81 15.11 2.26
CA GLY B 171 -20.25 14.97 2.08
C GLY B 171 -20.98 16.29 2.16
N LEU B 172 -22.32 16.23 2.17
CA LEU B 172 -23.14 17.44 2.27
C LEU B 172 -23.69 17.59 3.68
N ALA B 173 -24.08 18.82 4.03
CA ALA B 173 -24.74 19.17 5.30
C ALA B 173 -26.22 19.33 5.00
N ARG B 174 -27.13 18.79 5.85
CA ARG B 174 -28.57 18.80 5.58
C ARG B 174 -29.18 20.22 5.65
N THR B 175 -29.06 20.92 4.51
CA THR B 175 -29.54 22.26 4.17
C THR B 175 -29.51 22.36 2.62
N ALA B 176 -30.71 22.44 2.00
CA ALA B 176 -30.86 22.47 0.55
C ALA B 176 -31.19 23.89 0.03
N GLY B 177 -31.88 23.97 -1.12
CA GLY B 177 -32.27 25.24 -1.72
C GLY B 177 -32.57 25.20 -3.21
N THR B 178 -32.32 26.33 -3.90
CA THR B 178 -32.54 26.52 -5.33
C THR B 178 -31.21 26.62 -6.09
N SER B 179 -31.24 26.31 -7.39
CA SER B 179 -30.08 26.35 -8.29
C SER B 179 -30.42 27.12 -9.59
N PHE B 180 -29.55 28.01 -10.15
CA PHE B 180 -28.19 28.45 -9.78
C PHE B 180 -27.18 27.29 -9.84
N VAL B 187 -24.49 14.14 -8.05
CA VAL B 187 -25.79 13.77 -8.61
C VAL B 187 -26.01 12.23 -8.52
N THR B 188 -24.91 11.44 -8.40
CA THR B 188 -24.92 9.97 -8.26
C THR B 188 -25.59 9.63 -6.91
N ARG B 189 -26.61 8.77 -6.91
CA ARG B 189 -27.37 8.46 -5.69
C ARG B 189 -27.61 6.95 -5.44
N TYR B 190 -26.87 6.06 -6.16
CA TYR B 190 -27.00 4.60 -6.02
C TYR B 190 -26.41 4.05 -4.71
N TYR B 191 -25.61 4.86 -4.02
CA TYR B 191 -24.87 4.47 -2.83
C TYR B 191 -25.46 5.05 -1.55
N ARG B 192 -26.52 5.87 -1.68
CA ARG B 192 -27.21 6.46 -0.53
C ARG B 192 -28.01 5.39 0.21
N ALA B 193 -27.96 5.45 1.52
CA ALA B 193 -28.63 4.51 2.42
C ALA B 193 -30.17 4.65 2.35
N PRO B 194 -30.93 3.54 2.52
CA PRO B 194 -32.41 3.63 2.46
C PRO B 194 -33.01 4.67 3.40
N GLU B 195 -32.48 4.81 4.65
CA GLU B 195 -32.99 5.80 5.62
C GLU B 195 -32.85 7.25 5.09
N VAL B 196 -31.86 7.50 4.21
CA VAL B 196 -31.61 8.79 3.54
C VAL B 196 -32.65 8.96 2.42
N ILE B 197 -32.78 7.95 1.52
CA ILE B 197 -33.73 7.93 0.40
C ILE B 197 -35.16 8.19 0.91
N LEU B 198 -35.62 7.36 1.86
CA LEU B 198 -36.98 7.36 2.42
C LEU B 198 -37.20 8.43 3.50
N GLY B 199 -36.14 9.19 3.84
CA GLY B 199 -36.17 10.27 4.82
C GLY B 199 -36.63 9.89 6.21
N MET B 200 -35.98 8.89 6.82
CA MET B 200 -36.31 8.35 8.14
C MET B 200 -35.49 8.92 9.29
N GLY B 201 -34.37 9.54 8.97
CA GLY B 201 -33.42 9.98 9.98
C GLY B 201 -32.35 8.92 10.01
N TYR B 202 -31.21 9.24 10.62
CA TYR B 202 -30.10 8.32 10.59
C TYR B 202 -29.15 8.53 11.75
N LYS B 203 -28.22 7.56 11.91
CA LYS B 203 -27.10 7.56 12.83
C LYS B 203 -25.83 7.34 11.96
N GLU B 204 -24.65 7.27 12.58
CA GLU B 204 -23.34 7.13 11.92
C GLU B 204 -23.22 5.92 10.95
N ASN B 205 -23.96 4.78 11.17
CA ASN B 205 -23.87 3.61 10.27
C ASN B 205 -24.56 3.82 8.92
N VAL B 206 -25.00 5.02 8.64
CA VAL B 206 -25.59 5.39 7.35
C VAL B 206 -24.48 5.30 6.25
N ASP B 207 -23.22 5.57 6.64
CA ASP B 207 -22.07 5.50 5.75
C ASP B 207 -21.63 4.05 5.52
N ILE B 208 -22.06 3.11 6.39
CA ILE B 208 -21.75 1.67 6.24
C ILE B 208 -22.47 1.10 5.03
N TRP B 209 -23.72 1.52 4.79
CA TRP B 209 -24.49 1.09 3.62
C TRP B 209 -23.70 1.41 2.33
N SER B 210 -23.14 2.64 2.24
CA SER B 210 -22.35 3.09 1.08
C SER B 210 -21.12 2.23 0.89
N VAL B 211 -20.43 1.83 1.99
CA VAL B 211 -19.24 0.97 1.98
C VAL B 211 -19.66 -0.43 1.48
N GLY B 212 -20.84 -0.89 1.90
CA GLY B 212 -21.40 -2.16 1.47
C GLY B 212 -21.67 -2.19 -0.01
N CYS B 213 -22.27 -1.10 -0.53
CA CYS B 213 -22.55 -0.88 -1.95
C CYS B 213 -21.24 -0.94 -2.77
N ILE B 214 -20.20 -0.21 -2.31
CA ILE B 214 -18.87 -0.14 -2.94
C ILE B 214 -18.18 -1.53 -2.94
N MET B 215 -18.23 -2.27 -1.80
CA MET B 215 -17.65 -3.61 -1.64
C MET B 215 -18.31 -4.61 -2.60
N GLY B 216 -19.65 -4.58 -2.65
CA GLY B 216 -20.46 -5.43 -3.51
C GLY B 216 -20.10 -5.23 -4.96
N GLU B 217 -19.85 -3.96 -5.32
CA GLU B 217 -19.46 -3.55 -6.65
C GLU B 217 -18.04 -4.04 -6.97
N MET B 218 -17.12 -4.04 -5.98
CA MET B 218 -15.75 -4.58 -6.16
C MET B 218 -15.79 -6.08 -6.50
N VAL B 219 -16.72 -6.80 -5.86
CA VAL B 219 -16.91 -8.23 -6.05
C VAL B 219 -17.62 -8.51 -7.37
N ARG B 220 -18.76 -7.79 -7.64
CA ARG B 220 -19.61 -8.02 -8.82
C ARG B 220 -19.18 -7.24 -10.07
N HIS B 221 -18.35 -6.18 -9.91
CA HIS B 221 -17.86 -5.27 -10.97
C HIS B 221 -19.01 -4.53 -11.71
N LYS B 222 -20.25 -4.61 -11.18
CA LYS B 222 -21.46 -3.94 -11.66
C LYS B 222 -22.15 -3.29 -10.46
N ILE B 223 -22.73 -2.11 -10.68
CA ILE B 223 -23.46 -1.32 -9.67
C ILE B 223 -24.61 -2.16 -9.09
N LEU B 224 -24.63 -2.32 -7.75
CA LEU B 224 -25.62 -3.11 -7.03
C LEU B 224 -27.04 -2.63 -7.23
N PHE B 225 -27.28 -1.31 -7.00
CA PHE B 225 -28.61 -0.75 -7.07
C PHE B 225 -28.70 0.38 -8.10
N PRO B 226 -28.66 0.04 -9.42
CA PRO B 226 -28.77 1.10 -10.44
C PRO B 226 -30.22 1.56 -10.57
N GLY B 227 -30.45 2.57 -11.40
CA GLY B 227 -31.80 3.10 -11.59
C GLY B 227 -31.84 4.54 -12.04
N ARG B 228 -32.87 4.84 -12.84
CA ARG B 228 -33.13 6.18 -13.35
C ARG B 228 -33.46 7.16 -12.22
N ASP B 229 -34.09 6.66 -11.13
CA ASP B 229 -34.53 7.44 -9.96
C ASP B 229 -34.62 6.55 -8.72
N TYR B 230 -35.02 7.14 -7.55
CA TYR B 230 -35.13 6.45 -6.27
C TYR B 230 -36.17 5.33 -6.29
N ILE B 231 -37.29 5.53 -7.00
CA ILE B 231 -38.37 4.54 -7.12
C ILE B 231 -37.82 3.25 -7.77
N ASP B 232 -37.06 3.42 -8.86
CA ASP B 232 -36.42 2.34 -9.60
C ASP B 232 -35.33 1.70 -8.73
N GLN B 233 -34.57 2.53 -8.00
CA GLN B 233 -33.50 2.14 -7.10
C GLN B 233 -34.02 1.28 -5.95
N TRP B 234 -35.14 1.68 -5.29
CA TRP B 234 -35.72 0.93 -4.18
C TRP B 234 -36.15 -0.48 -4.62
N ASN B 235 -36.66 -0.61 -5.88
CA ASN B 235 -37.06 -1.89 -6.44
C ASN B 235 -35.85 -2.82 -6.48
N LYS B 236 -34.69 -2.33 -6.97
CA LYS B 236 -33.42 -3.05 -7.05
C LYS B 236 -32.93 -3.52 -5.67
N VAL B 237 -33.25 -2.77 -4.62
CA VAL B 237 -32.91 -3.09 -3.25
C VAL B 237 -33.79 -4.25 -2.74
N ILE B 238 -35.12 -4.13 -2.88
CA ILE B 238 -36.05 -5.14 -2.38
C ILE B 238 -35.98 -6.44 -3.21
N GLU B 239 -35.76 -6.33 -4.53
CA GLU B 239 -35.67 -7.51 -5.40
C GLU B 239 -34.50 -8.41 -5.00
N GLN B 240 -33.38 -7.79 -4.56
CA GLN B 240 -32.13 -8.46 -4.22
C GLN B 240 -31.99 -8.82 -2.72
N LEU B 241 -32.33 -7.89 -1.81
CA LEU B 241 -32.14 -8.11 -0.38
C LEU B 241 -33.43 -8.58 0.32
N GLY B 242 -34.57 -8.39 -0.33
CA GLY B 242 -35.87 -8.73 0.24
C GLY B 242 -36.56 -7.53 0.87
N THR B 243 -37.86 -7.64 1.05
CA THR B 243 -38.73 -6.63 1.65
C THR B 243 -38.37 -6.47 3.13
N PRO B 244 -38.21 -5.22 3.66
CA PRO B 244 -37.87 -5.06 5.07
C PRO B 244 -39.01 -5.47 6.00
N CYS B 245 -38.67 -5.78 7.27
CA CYS B 245 -39.58 -6.23 8.33
C CYS B 245 -40.70 -5.20 8.61
N PRO B 246 -41.90 -5.65 9.07
CA PRO B 246 -42.97 -4.68 9.39
C PRO B 246 -42.53 -3.61 10.39
N GLU B 247 -41.64 -3.97 11.34
CA GLU B 247 -41.07 -3.08 12.35
C GLU B 247 -40.39 -1.89 11.67
N PHE B 248 -39.59 -2.14 10.60
CA PHE B 248 -38.90 -1.08 9.83
C PHE B 248 -39.91 -0.21 9.14
N MET B 249 -40.91 -0.83 8.47
CA MET B 249 -41.91 -0.12 7.70
C MET B 249 -42.86 0.67 8.62
N LYS B 250 -42.90 0.33 9.92
CA LYS B 250 -43.65 1.02 10.96
C LYS B 250 -42.92 2.34 11.29
N LYS B 251 -41.56 2.30 11.31
CA LYS B 251 -40.70 3.45 11.58
C LYS B 251 -40.72 4.49 10.42
N LEU B 252 -41.47 4.21 9.33
CA LEU B 252 -41.61 5.09 8.16
C LEU B 252 -42.79 6.02 8.28
N GLN B 253 -42.67 7.26 7.76
CA GLN B 253 -43.74 8.26 7.78
C GLN B 253 -44.93 7.75 6.91
N PRO B 254 -46.22 7.90 7.36
CA PRO B 254 -47.36 7.33 6.62
C PRO B 254 -47.39 7.47 5.08
N THR B 255 -46.87 8.58 4.51
CA THR B 255 -46.86 8.91 3.08
C THR B 255 -45.94 8.01 2.24
N VAL B 256 -44.71 7.76 2.68
CA VAL B 256 -43.79 6.90 1.93
C VAL B 256 -44.07 5.41 2.32
N ARG B 257 -44.52 5.19 3.56
CA ARG B 257 -44.92 3.88 4.13
C ARG B 257 -46.01 3.22 3.25
N ASN B 258 -46.95 4.03 2.77
CA ASN B 258 -48.06 3.61 1.92
C ASN B 258 -47.51 2.98 0.63
N TYR B 259 -46.55 3.65 -0.05
CA TYR B 259 -45.95 3.15 -1.28
C TYR B 259 -45.09 1.92 -1.03
N VAL B 260 -44.21 1.97 0.01
CA VAL B 260 -43.29 0.89 0.39
C VAL B 260 -44.09 -0.38 0.75
N GLU B 261 -45.14 -0.27 1.58
CA GLU B 261 -45.98 -1.41 1.98
C GLU B 261 -46.84 -1.93 0.82
N ASN B 262 -47.12 -1.11 -0.21
CA ASN B 262 -47.94 -1.54 -1.35
C ASN B 262 -47.10 -2.26 -2.40
N ARG B 263 -45.75 -2.24 -2.27
CA ARG B 263 -44.85 -2.94 -3.18
C ARG B 263 -45.06 -4.47 -3.09
N PRO B 264 -44.83 -5.24 -4.18
CA PRO B 264 -44.91 -6.69 -4.06
C PRO B 264 -43.82 -7.19 -3.10
N LYS B 265 -44.17 -8.15 -2.22
CA LYS B 265 -43.27 -8.72 -1.22
C LYS B 265 -42.21 -9.61 -1.88
N TYR B 266 -40.94 -9.41 -1.53
CA TYR B 266 -39.79 -10.19 -2.02
C TYR B 266 -39.07 -10.86 -0.85
N ALA B 267 -38.65 -12.13 -1.03
CA ALA B 267 -37.86 -12.84 -0.02
C ALA B 267 -36.42 -12.37 -0.08
N GLY B 268 -35.96 -12.09 -1.28
CA GLY B 268 -34.61 -11.63 -1.50
C GLY B 268 -33.63 -12.76 -1.70
N LEU B 269 -32.69 -12.54 -2.63
CA LEU B 269 -31.65 -13.49 -2.96
C LEU B 269 -30.72 -13.56 -1.78
N THR B 270 -30.31 -14.78 -1.40
CA THR B 270 -29.38 -14.90 -0.26
C THR B 270 -28.01 -14.33 -0.67
N PHE B 271 -27.14 -14.01 0.29
CA PHE B 271 -25.82 -13.46 -0.03
C PHE B 271 -24.96 -14.54 -0.77
N PRO B 272 -25.06 -15.87 -0.50
CA PRO B 272 -24.33 -16.83 -1.34
C PRO B 272 -24.69 -16.75 -2.82
N LYS B 273 -25.97 -16.44 -3.18
CA LYS B 273 -26.30 -16.33 -4.61
C LYS B 273 -26.05 -14.91 -5.11
N LEU B 274 -26.18 -13.90 -4.24
CA LEU B 274 -25.85 -12.53 -4.59
C LEU B 274 -24.33 -12.41 -4.88
N PHE B 275 -23.50 -13.08 -4.07
CA PHE B 275 -22.05 -13.05 -4.22
C PHE B 275 -21.47 -14.50 -4.15
N PRO B 276 -21.59 -15.28 -5.24
CA PRO B 276 -21.07 -16.66 -5.22
C PRO B 276 -19.54 -16.76 -5.20
N ASP B 277 -19.03 -17.92 -4.77
CA ASP B 277 -17.58 -18.23 -4.65
C ASP B 277 -16.83 -18.01 -5.96
N SER B 278 -17.54 -18.07 -7.10
CA SER B 278 -17.03 -17.86 -8.46
C SER B 278 -16.48 -16.44 -8.64
N LEU B 279 -17.04 -15.46 -7.90
CA LEU B 279 -16.63 -14.05 -7.97
C LEU B 279 -15.40 -13.77 -7.10
N PHE B 280 -14.93 -14.79 -6.35
CA PHE B 280 -13.84 -14.69 -5.38
C PHE B 280 -12.65 -15.58 -5.69
N PRO B 281 -11.42 -15.19 -5.24
CA PRO B 281 -10.26 -16.08 -5.42
C PRO B 281 -10.43 -17.46 -4.79
N ALA B 282 -9.87 -18.47 -5.48
CA ALA B 282 -9.78 -19.89 -5.16
C ALA B 282 -8.63 -20.52 -6.01
N ASP B 283 -8.10 -21.71 -5.69
CA ASP B 283 -8.54 -22.57 -4.60
C ASP B 283 -7.43 -22.72 -3.57
N SER B 284 -7.80 -22.39 -2.33
CA SER B 284 -7.03 -22.45 -1.11
C SER B 284 -7.97 -22.62 0.03
N GLU B 285 -7.54 -23.26 1.13
CA GLU B 285 -8.33 -23.35 2.35
C GLU B 285 -8.52 -21.93 2.90
N HIS B 286 -7.45 -21.11 2.77
CA HIS B 286 -7.41 -19.71 3.20
C HIS B 286 -8.31 -18.83 2.33
N ASN B 287 -8.23 -18.96 0.99
CA ASN B 287 -9.04 -18.15 0.06
C ASN B 287 -10.52 -18.52 0.10
N LYS B 288 -10.85 -19.78 0.44
CA LYS B 288 -12.24 -20.21 0.58
C LYS B 288 -12.80 -19.59 1.86
N LEU B 289 -12.00 -19.60 2.96
CA LEU B 289 -12.36 -19.00 4.25
C LEU B 289 -12.54 -17.48 4.13
N LYS B 290 -11.65 -16.82 3.34
CA LYS B 290 -11.65 -15.38 3.07
C LYS B 290 -12.87 -14.93 2.29
N ALA B 291 -13.37 -15.77 1.36
CA ALA B 291 -14.59 -15.47 0.59
C ALA B 291 -15.81 -15.57 1.50
N SER B 292 -15.81 -16.59 2.38
CA SER B 292 -16.85 -16.82 3.38
C SER B 292 -16.92 -15.64 4.37
N GLN B 293 -15.75 -15.02 4.67
CA GLN B 293 -15.61 -13.86 5.55
C GLN B 293 -16.11 -12.59 4.86
N ALA B 294 -15.69 -12.37 3.58
CA ALA B 294 -16.07 -11.21 2.77
C ALA B 294 -17.59 -11.15 2.59
N ARG B 295 -18.20 -12.29 2.28
CA ARG B 295 -19.65 -12.44 2.10
C ARG B 295 -20.38 -12.14 3.39
N ASP B 296 -19.84 -12.59 4.54
CA ASP B 296 -20.38 -12.36 5.88
C ASP B 296 -20.36 -10.87 6.24
N LEU B 297 -19.32 -10.14 5.81
CA LEU B 297 -19.23 -8.71 6.07
C LEU B 297 -20.23 -7.98 5.17
N LEU B 298 -20.44 -8.45 3.95
CA LEU B 298 -21.43 -7.87 3.06
C LEU B 298 -22.83 -8.08 3.62
N SER B 299 -23.11 -9.27 4.20
CA SER B 299 -24.43 -9.58 4.78
C SER B 299 -24.75 -8.74 6.01
N LYS B 300 -23.72 -8.11 6.61
CA LYS B 300 -23.81 -7.22 7.80
C LYS B 300 -23.81 -5.72 7.42
N MET B 301 -23.23 -5.34 6.26
CA MET B 301 -23.20 -3.95 5.77
C MET B 301 -24.40 -3.65 4.88
N LEU B 302 -24.75 -4.60 3.98
CA LEU B 302 -25.91 -4.43 3.09
C LEU B 302 -27.19 -4.92 3.76
N VAL B 303 -27.63 -4.14 4.77
CA VAL B 303 -28.83 -4.34 5.60
C VAL B 303 -29.69 -3.08 5.50
N ILE B 304 -30.97 -3.21 5.09
CA ILE B 304 -31.87 -2.08 4.93
C ILE B 304 -32.08 -1.39 6.30
N ASP B 305 -32.49 -2.17 7.33
CA ASP B 305 -32.75 -1.70 8.69
C ASP B 305 -31.45 -1.24 9.34
N PRO B 306 -31.27 0.08 9.63
CA PRO B 306 -30.00 0.54 10.23
C PRO B 306 -29.81 0.02 11.67
N ALA B 307 -30.89 -0.44 12.35
CA ALA B 307 -30.84 -1.02 13.71
C ALA B 307 -30.12 -2.37 13.72
N LYS B 308 -30.06 -3.05 12.56
CA LYS B 308 -29.44 -4.37 12.37
C LYS B 308 -28.13 -4.29 11.56
N ARG B 309 -27.82 -3.14 10.93
CA ARG B 309 -26.60 -2.91 10.15
C ARG B 309 -25.41 -2.73 11.09
N ILE B 310 -24.25 -3.26 10.71
CA ILE B 310 -23.00 -3.21 11.49
C ILE B 310 -22.48 -1.74 11.58
N SER B 311 -21.79 -1.40 12.68
CA SER B 311 -21.18 -0.08 12.87
C SER B 311 -19.81 -0.04 12.21
N VAL B 312 -19.16 1.13 12.16
CA VAL B 312 -17.80 1.31 11.64
C VAL B 312 -16.80 0.56 12.56
N ASP B 313 -16.95 0.75 13.89
CA ASP B 313 -16.11 0.16 14.94
C ASP B 313 -16.15 -1.35 14.90
N ASP B 314 -17.34 -1.94 14.78
CA ASP B 314 -17.48 -3.39 14.70
C ASP B 314 -17.01 -3.92 13.34
N ALA B 315 -17.13 -3.13 12.24
CA ALA B 315 -16.65 -3.53 10.91
C ALA B 315 -15.13 -3.63 10.90
N LEU B 316 -14.46 -2.72 11.62
CA LEU B 316 -13.01 -2.69 11.80
C LEU B 316 -12.56 -3.86 12.66
N GLN B 317 -13.49 -4.44 13.42
CA GLN B 317 -13.27 -5.58 14.32
C GLN B 317 -13.60 -6.93 13.61
N HIS B 318 -14.18 -6.88 12.39
CA HIS B 318 -14.55 -8.07 11.61
C HIS B 318 -13.30 -8.84 11.13
N PRO B 319 -13.33 -10.20 11.15
CA PRO B 319 -12.15 -10.97 10.69
C PRO B 319 -11.60 -10.63 9.30
N TYR B 320 -12.44 -10.16 8.39
CA TYR B 320 -12.00 -9.81 7.03
C TYR B 320 -11.11 -8.54 7.01
N ILE B 321 -11.39 -7.60 7.94
CA ILE B 321 -10.74 -6.29 8.02
C ILE B 321 -9.71 -6.21 9.15
N ASN B 322 -10.02 -6.78 10.33
CA ASN B 322 -9.21 -6.69 11.54
C ASN B 322 -7.72 -7.05 11.37
N VAL B 323 -7.37 -7.79 10.32
CA VAL B 323 -5.97 -8.17 10.04
C VAL B 323 -5.08 -6.92 9.84
N TRP B 324 -5.69 -5.76 9.47
CA TRP B 324 -4.97 -4.52 9.25
C TRP B 324 -5.05 -3.57 10.42
N TYR B 325 -5.90 -3.86 11.42
CA TYR B 325 -6.12 -2.98 12.57
C TYR B 325 -4.84 -2.49 13.21
N ASP B 326 -4.68 -1.16 13.24
CA ASP B 326 -3.55 -0.47 13.85
C ASP B 326 -4.10 0.68 14.69
N PRO B 327 -3.99 0.63 16.04
CA PRO B 327 -4.50 1.75 16.87
C PRO B 327 -4.00 3.13 16.45
N ALA B 328 -2.79 3.22 15.87
CA ALA B 328 -2.20 4.48 15.38
C ALA B 328 -2.97 5.06 14.18
N GLU B 329 -3.64 4.21 13.38
CA GLU B 329 -4.41 4.65 12.21
C GLU B 329 -5.91 4.81 12.54
N VAL B 330 -6.45 3.91 13.36
CA VAL B 330 -7.86 3.85 13.76
C VAL B 330 -8.17 4.88 14.85
N GLU B 331 -7.45 4.83 15.98
CA GLU B 331 -7.69 5.66 17.18
C GLU B 331 -6.91 7.01 17.18
N ALA B 332 -6.65 7.58 15.97
CA ALA B 332 -5.95 8.86 15.78
C ALA B 332 -6.76 10.04 16.36
N PRO B 333 -6.13 11.12 16.87
CA PRO B 333 -6.92 12.22 17.49
C PRO B 333 -7.92 12.91 16.55
N PRO B 334 -9.20 13.06 16.97
CA PRO B 334 -10.18 13.74 16.10
C PRO B 334 -9.85 15.22 15.85
N PRO B 335 -10.15 15.75 14.65
CA PRO B 335 -9.87 17.17 14.39
C PRO B 335 -10.88 18.12 15.03
N GLN B 336 -10.52 19.42 15.08
CA GLN B 336 -11.32 20.51 15.61
C GLN B 336 -12.60 20.74 14.76
N ILE B 337 -13.69 20.03 15.15
CA ILE B 337 -15.04 20.03 14.56
C ILE B 337 -14.98 19.95 13.02
N LEU B 342 -21.64 26.91 13.81
CA LEU B 342 -20.25 27.06 13.40
C LEU B 342 -20.05 26.77 11.90
N ASP B 343 -21.02 26.06 11.28
CA ASP B 343 -21.03 25.69 9.85
C ASP B 343 -22.46 25.29 9.43
N GLU B 344 -23.43 26.24 9.54
CA GLU B 344 -24.85 25.95 9.24
C GLU B 344 -25.65 27.12 8.61
N ARG B 345 -25.89 28.21 9.40
CA ARG B 345 -26.77 29.34 9.09
C ARG B 345 -26.32 30.29 7.94
N GLU B 346 -27.29 31.13 7.53
CA GLU B 346 -27.27 32.14 6.47
C GLU B 346 -26.21 33.24 6.65
N HIS B 347 -25.94 33.98 5.54
CA HIS B 347 -25.00 35.11 5.35
C HIS B 347 -25.26 35.78 4.00
N THR B 348 -24.95 37.08 3.87
CA THR B 348 -25.04 37.81 2.60
C THR B 348 -23.84 37.42 1.71
N ILE B 349 -23.84 37.87 0.43
CA ILE B 349 -22.75 37.60 -0.53
C ILE B 349 -21.44 38.23 -0.03
N GLU B 350 -21.46 39.53 0.35
CA GLU B 350 -20.29 40.25 0.85
C GLU B 350 -19.74 39.57 2.13
N GLU B 351 -20.63 39.08 3.02
CA GLU B 351 -20.28 38.34 4.23
C GLU B 351 -19.56 37.04 3.88
N TRP B 352 -20.10 36.25 2.91
CA TRP B 352 -19.48 35.00 2.45
C TRP B 352 -18.13 35.27 1.81
N LYS B 353 -18.07 36.26 0.87
CA LYS B 353 -16.88 36.70 0.12
C LYS B 353 -15.66 36.89 1.02
N GLU B 354 -15.85 37.57 2.17
CA GLU B 354 -14.83 37.89 3.17
C GLU B 354 -14.34 36.65 3.92
N LEU B 355 -15.29 35.82 4.40
CA LEU B 355 -15.04 34.57 5.13
C LEU B 355 -14.19 33.61 4.29
N ILE B 356 -14.53 33.40 3.00
CA ILE B 356 -13.74 32.52 2.13
C ILE B 356 -12.36 33.19 1.84
N TYR B 357 -12.32 34.53 1.64
CA TYR B 357 -11.09 35.27 1.37
C TYR B 357 -10.10 35.18 2.52
N LYS B 358 -10.58 35.32 3.78
CA LYS B 358 -9.75 35.25 4.98
C LYS B 358 -9.16 33.84 5.19
N GLU B 359 -9.89 32.78 4.78
CA GLU B 359 -9.42 31.39 4.84
C GLU B 359 -8.26 31.18 3.88
N VAL B 360 -8.38 31.67 2.64
CA VAL B 360 -7.37 31.59 1.57
C VAL B 360 -6.09 32.38 1.99
N MET B 361 -6.27 33.55 2.61
CA MET B 361 -5.18 34.44 3.05
C MET B 361 -4.48 33.93 4.32
N ASN B 362 -5.26 33.52 5.35
CA ASN B 362 -4.69 32.98 6.59
C ASN B 362 -4.68 31.46 6.51
N SER B 363 -3.56 30.88 6.04
CA SER B 363 -3.41 29.44 5.86
C SER B 363 -2.01 28.96 6.22
C01 CQQ C . 21.62 -5.55 10.35
N02 CQQ C . 20.36 -5.08 10.24
C03 CQQ C . 19.31 -5.85 10.55
C04 CQQ C . 19.50 -7.15 11.04
C05 CQQ C . 20.80 -7.67 11.17
C06 CQQ C . 21.87 -6.85 10.84
C07 CQQ C . 23.25 -7.36 10.93
N08 CQQ C . 24.29 -6.53 10.62
C09 CQQ C . 23.50 -8.69 11.23
C10 CQQ C . 24.82 -9.14 11.22
N11 CQQ C . 25.81 -8.28 10.93
C12 CQQ C . 25.58 -6.98 10.61
N13 CQQ C . 26.69 -6.15 10.27
C14 CQQ C . 26.39 -4.82 9.83
C15 CQQ C . 25.20 -4.50 9.16
C16 CQQ C . 27.34 -3.80 10.03
C17 CQQ C . 27.05 -2.49 9.60
C18 CQQ C . 25.83 -2.20 8.96
C19 CQQ C . 24.88 -3.20 8.79
N20 CQQ C . 23.63 -2.97 8.17
C21 CQQ C . 23.11 -1.71 8.41
O22 CQQ C . 22.82 -1.37 9.55
C23 CQQ C . 22.87 -0.79 7.25
C24 CQQ C . 21.58 -0.58 6.79
C25 CQQ C . 21.34 0.29 5.71
C26 CQQ C . 23.96 -0.17 6.61
C27 CQQ C . 23.73 0.68 5.54
C28 CQQ C . 22.43 0.91 5.06
N29 CQQ C . 22.26 1.79 3.97
C30 CQQ C . 20.94 1.89 3.54
O31 CQQ C . 20.32 2.93 3.71
C32 CQQ C . 20.28 0.72 2.86
C33 CQQ C . 20.62 0.66 1.38
C34 CQQ C . 19.28 0.62 0.65
N35 CQQ C . 19.17 -0.38 -0.43
C36 CQQ C . 17.98 -1.23 -0.20
C37 CQQ C . 19.08 0.36 -1.71
C01 CQQ D . -10.34 14.54 -8.63
N02 CQQ D . -11.56 15.10 -8.67
C03 CQQ D . -11.94 16.07 -7.80
C04 CQQ D . -11.06 16.51 -6.81
C05 CQQ D . -9.79 15.92 -6.73
C06 CQQ D . -9.43 14.94 -7.66
C07 CQQ D . -8.09 14.29 -7.57
N08 CQQ D . -7.73 13.34 -8.48
C09 CQQ D . -7.25 14.55 -6.49
C10 CQQ D . -6.05 13.85 -6.42
N11 CQQ D . -5.73 12.94 -7.35
C12 CQQ D . -6.55 12.65 -8.38
N13 CQQ D . -6.13 11.66 -9.32
C14 CQQ D . -7.04 11.31 -10.33
C15 CQQ D . -8.41 11.38 -10.11
C16 CQQ D . -6.57 10.85 -11.57
C17 CQQ D . -7.49 10.51 -12.57
C18 CQQ D . -8.86 10.60 -12.34
C19 CQQ D . -9.34 11.08 -11.11
N20 CQQ D . -10.71 11.21 -10.80
C21 CQQ D . -11.49 11.55 -11.88
O22 CQQ D . -11.35 12.60 -12.45
C23 CQQ D . -12.55 10.59 -12.32
C24 CQQ D . -13.89 10.89 -12.06
C25 CQQ D . -14.88 10.00 -12.47
C26 CQQ D . -12.21 9.40 -12.98
C27 CQQ D . -13.21 8.51 -13.36
C28 CQQ D . -14.55 8.80 -13.11
N29 CQQ D . -15.54 7.89 -13.54
C30 CQQ D . -16.83 8.24 -13.17
O31 CQQ D . -17.64 8.58 -14.01
C32 CQQ D . -17.22 8.19 -11.70
C33 CQQ D . -17.62 6.78 -11.29
C34 CQQ D . -19.01 6.94 -10.66
N35 CQQ D . -19.19 6.23 -9.39
C36 CQQ D . -19.70 7.17 -8.38
C37 CQQ D . -20.17 5.17 -9.62
#